data_9KMC
#
_entry.id   9KMC
#
_cell.length_a   1.00
_cell.length_b   1.00
_cell.length_c   1.00
_cell.angle_alpha   90.00
_cell.angle_beta   90.00
_cell.angle_gamma   90.00
#
_symmetry.space_group_name_H-M   'P 1'
#
loop_
_entity.id
_entity.type
_entity.pdbx_description
1 polymer 'Interleukin-2 receptor subunit alpha'
2 polymer 'Interleukin-2 receptor subunit beta'
3 polymer 'Cytokine receptor common subunit gamma'
4 polymer Interleukin-2
5 polymer 'Fab S417 heavy chain'
6 polymer 'Fab S417 light chain'
7 branched 2-acetamido-2-deoxy-beta-D-glucopyranose-(1-4)-[alpha-L-fucopyranose-(1-6)]2-acetamido-2-deoxy-beta-D-glucopyranose
8 branched beta-D-mannopyranose-(1-4)-2-acetamido-2-deoxy-beta-D-glucopyranose-(1-4)-2-acetamido-2-deoxy-beta-D-glucopyranose
9 branched 2-acetamido-2-deoxy-beta-D-glucopyranose-(1-4)-2-acetamido-2-deoxy-beta-D-glucopyranose
10 non-polymer 2-acetamido-2-deoxy-beta-D-glucopyranose
#
loop_
_entity_poly.entity_id
_entity_poly.type
_entity_poly.pdbx_seq_one_letter_code
_entity_poly.pdbx_strand_id
1 'polypeptide(L)'
;ELCDDDPPEIPHATFKAMAYKEGTMLNCECKRGFRRIKSGSLYMLCTGNSSHSSWDNQCQCTSSATRNTTKQVTPQPEEQ
KERKTTEMQSPMQPVDQASLPGHCREPPPWENEATERIYHFVVGQMVYYQCVQGYRALHRGPAESVCKMTHGKTRWTQPQ
LICTGEMETSQFPGEEKPQASPEGRPESETSCLVTTTDFQIQTEMAATMETSIFTTEYQGGGGSGGGGSGGGGSHHHHHH
;
A
2 'polypeptide(L)'
;AVNGTSQFTCFYNSRANISCVWSQDGALQDTSCQVHAWPDRRRWNQTCELLPVSQASWACNLILGAPDSQKLTTVDIVTL
RVLCREGVRWRVMAIQDFKPFENLRLMAPISLQVVHVETHRCNISWEISQASHYFERHLEFEARTLSPGHTWEEAPLLTL
KQKQEWICLETLTPDTQYEFQVRVKPLQGEFTTWSPWSQPLAFRTKPAALGKDTHHHHHHHH
;
B
3 'polypeptide(L)'
;LNTTILTPNGNEDTTADFFLTTMPTDSLSVSTLPLPEVQCFVFNVEYMNCTWQSSSEPQPTNLTLHYWYKNSDNDKVQKC
SHYLFSEEITSGCQLQKKEIHLYQTFVVQLQDPREPRRQATQMLKLQNLVIPWAPENLTLHKLSESQLELNWNNRFLNHC
LEHLVQYRTDWDHSWTEQSVDYRHKFSLPSVDGQKRYTFRVRSRFNPLCGSAQHWSEWSHPIHWGSNTSKENPHHHHHHH
H
;
C
4 'polypeptide(L)'
;APTSSSTKKTQLQLEHLLLDLQMILNGINNYKNPKLTRMLTFKFYMPKKATELKHLQCLEEELKPLEEVLNLAQSKNFHL
RPRDLISNINVIVLELKGSETTFMCEYADETATIVEFLNRWITFCQSIISTLT
;
D
5 'polypeptide(L)'
;QVQLHQSGDDLVKPGASVKLSCRASGYTFTSYWINWVKQRPGQGLEWIGRILPGTNSIYYSEIFKGKASLTVDTSSNTAY
IQLSSLSSEDSAVYFCARLLWNKGAMDYWGQGTSVTVSSASTKGPSVFPLAPSSKSTSGGTAALGCLVKDYFPEPVTVSW
NSGALTSGVHTFPAVLQSSGLYSLSSVVTVPSSSLGTQTYICNVNHKPSNTKVDKKAEPKSCENLYFQ
;
E
6 'polypeptide(L)'
;QIVLSQSPVILSASPGEKVTMTCRASSGVSSIHWYQQQPGSSPKPWIYDTSSLASGVPARFSGSGSGTSYSLTISRVEAE
DAATYYCQQWSSNPPTFGAGTKLELKRTVAAPSVFIFPPSDEQLKSGTASVVCLLNNFYPREAKVQWKVDNALQSGNSQE
SVTEQDSKDSTYSLSSTLTLSKADYEKHKVYACEVTHQGLSSPVTKSFNRGEC
;
F
#
# COMPACT_ATOMS: atom_id res chain seq x y z
N GLU A 1 5.93 -5.62 3.02
CA GLU A 1 4.87 -5.70 4.05
C GLU A 1 5.07 -6.93 4.94
N LEU A 2 4.85 -8.11 4.36
CA LEU A 2 5.00 -9.35 5.11
C LEU A 2 6.48 -9.65 5.35
N CYS A 3 6.75 -10.27 6.50
CA CYS A 3 8.09 -10.70 6.83
C CYS A 3 8.40 -12.02 6.13
N ASP A 4 9.51 -12.05 5.41
CA ASP A 4 9.87 -13.22 4.60
C ASP A 4 10.51 -14.34 5.42
N ASP A 5 10.34 -14.32 6.73
CA ASP A 5 10.85 -15.40 7.58
C ASP A 5 10.06 -15.43 8.87
N ASP A 6 10.17 -16.54 9.58
CA ASP A 6 9.52 -16.71 10.87
C ASP A 6 10.44 -16.29 11.99
N PRO A 7 9.94 -16.23 13.22
CA PRO A 7 10.81 -15.88 14.34
C PRO A 7 11.91 -16.92 14.51
N PRO A 8 13.03 -16.53 15.12
CA PRO A 8 14.20 -17.44 15.18
C PRO A 8 13.95 -18.75 15.91
N GLU A 9 12.80 -18.94 16.55
CA GLU A 9 12.44 -20.22 17.19
C GLU A 9 13.59 -20.76 18.03
N ILE A 10 13.91 -20.00 19.09
CA ILE A 10 14.98 -20.41 19.99
C ILE A 10 14.68 -21.80 20.53
N PRO A 11 15.65 -22.71 20.60
CA PRO A 11 15.37 -24.07 21.10
C PRO A 11 14.88 -24.03 22.54
N HIS A 12 13.97 -24.95 22.85
CA HIS A 12 13.34 -25.07 24.16
C HIS A 12 12.49 -23.85 24.50
N ALA A 13 12.19 -22.99 23.52
CA ALA A 13 11.42 -21.78 23.75
C ALA A 13 10.38 -21.63 22.66
N THR A 14 9.17 -21.25 23.05
CA THR A 14 8.08 -20.93 22.13
C THR A 14 7.86 -19.43 22.12
N PHE A 15 6.90 -18.99 21.30
CA PHE A 15 6.62 -17.57 21.19
C PHE A 15 5.14 -17.35 20.90
N LYS A 16 4.68 -16.15 21.23
CA LYS A 16 3.30 -15.76 20.96
C LYS A 16 3.24 -14.24 20.87
N ALA A 17 2.18 -13.75 20.23
CA ALA A 17 1.96 -12.32 20.07
C ALA A 17 0.74 -11.89 20.85
N MET A 18 0.84 -10.73 21.51
CA MET A 18 -0.30 -10.19 22.25
C MET A 18 -1.38 -9.71 21.28
N ALA A 19 -0.97 -9.06 20.20
CA ALA A 19 -1.90 -8.55 19.20
C ALA A 19 -1.22 -8.60 17.85
N TYR A 20 -2.04 -8.71 16.80
CA TYR A 20 -1.53 -8.94 15.45
C TYR A 20 -1.73 -7.68 14.63
N LYS A 21 -0.65 -7.17 14.07
CA LYS A 21 -0.72 -5.97 13.24
C LYS A 21 -1.59 -6.25 12.02
N GLU A 22 -2.24 -5.20 11.52
CA GLU A 22 -3.08 -5.35 10.35
C GLU A 22 -2.28 -5.91 9.18
N GLY A 23 -2.84 -6.92 8.52
CA GLY A 23 -2.17 -7.62 7.43
C GLY A 23 -1.70 -9.02 7.78
N THR A 24 -1.97 -9.49 8.99
CA THR A 24 -1.58 -10.84 9.38
C THR A 24 -2.54 -11.86 8.79
N MET A 25 -1.99 -12.99 8.36
CA MET A 25 -2.76 -14.08 7.76
C MET A 25 -2.64 -15.32 8.63
N LEU A 26 -3.77 -15.96 8.92
CA LEU A 26 -3.81 -17.20 9.66
C LEU A 26 -4.33 -18.31 8.74
N ASN A 27 -3.47 -19.25 8.39
CA ASN A 27 -3.86 -20.35 7.52
C ASN A 27 -4.95 -21.18 8.18
N CYS A 28 -5.96 -21.53 7.40
CA CYS A 28 -7.09 -22.34 7.86
C CYS A 28 -6.72 -23.81 7.65
N GLU A 29 -6.23 -24.45 8.70
CA GLU A 29 -5.78 -25.83 8.63
C GLU A 29 -6.40 -26.63 9.75
N CYS A 30 -6.60 -27.92 9.51
CA CYS A 30 -7.36 -28.79 10.39
C CYS A 30 -6.53 -30.00 10.80
N LYS A 31 -7.10 -30.78 11.72
CA LYS A 31 -6.43 -31.96 12.25
C LYS A 31 -6.24 -33.01 11.16
N ARG A 32 -5.50 -34.06 11.51
CA ARG A 32 -5.40 -35.21 10.63
C ARG A 32 -6.74 -35.91 10.52
N GLY A 33 -7.08 -36.33 9.30
CA GLY A 33 -8.38 -36.91 9.06
C GLY A 33 -9.48 -35.89 8.81
N PHE A 34 -9.13 -34.60 8.73
CA PHE A 34 -10.08 -33.54 8.43
C PHE A 34 -9.48 -32.64 7.36
N ARG A 35 -10.35 -32.02 6.57
CA ARG A 35 -9.94 -31.21 5.43
C ARG A 35 -10.64 -29.87 5.47
N ARG A 36 -9.99 -28.86 4.90
CA ARG A 36 -10.65 -27.57 4.71
C ARG A 36 -11.89 -27.76 3.87
N ILE A 37 -12.99 -27.16 4.30
CA ILE A 37 -14.26 -27.34 3.60
C ILE A 37 -14.11 -26.92 2.15
N LYS A 38 -14.76 -27.65 1.26
CA LYS A 38 -14.74 -27.31 -0.16
C LYS A 38 -15.41 -25.95 -0.37
N SER A 39 -14.87 -25.18 -1.31
CA SER A 39 -15.29 -23.80 -1.56
C SER A 39 -15.01 -22.91 -0.35
N GLY A 40 -14.15 -23.36 0.56
CA GLY A 40 -13.82 -22.62 1.75
C GLY A 40 -12.67 -21.66 1.52
N SER A 41 -12.22 -21.07 2.62
CA SER A 41 -11.17 -20.06 2.59
C SER A 41 -9.84 -20.68 2.97
N LEU A 42 -8.77 -20.19 2.33
CA LEU A 42 -7.42 -20.65 2.63
C LEU A 42 -6.82 -19.98 3.85
N TYR A 43 -7.17 -18.73 4.12
CA TYR A 43 -6.60 -18.01 5.25
C TYR A 43 -7.55 -16.91 5.70
N MET A 44 -7.40 -16.52 6.97
CA MET A 44 -8.06 -15.34 7.52
C MET A 44 -7.12 -14.16 7.44
N LEU A 45 -7.64 -13.00 7.05
CA LEU A 45 -6.85 -11.80 6.89
C LEU A 45 -7.32 -10.75 7.88
N CYS A 46 -6.36 -10.14 8.59
CA CYS A 46 -6.68 -9.05 9.51
C CYS A 46 -6.71 -7.75 8.71
N THR A 47 -7.91 -7.18 8.58
CA THR A 47 -8.13 -5.92 7.89
C THR A 47 -8.67 -4.90 8.88
N GLY A 48 -8.79 -3.65 8.44
CA GLY A 48 -9.31 -2.63 9.30
C GLY A 48 -9.73 -1.39 8.55
N ASN A 49 -10.63 -0.63 9.18
CA ASN A 49 -11.08 0.66 8.65
C ASN A 49 -10.70 1.75 9.65
N SER A 50 -11.25 2.95 9.47
CA SER A 50 -10.82 4.09 10.27
C SER A 50 -10.97 3.87 11.77
N SER A 51 -11.73 2.88 12.21
CA SER A 51 -11.97 2.69 13.64
C SER A 51 -12.03 1.25 14.10
N HIS A 52 -11.76 0.26 13.24
CA HIS A 52 -11.90 -1.13 13.63
C HIS A 52 -10.87 -1.98 12.91
N SER A 53 -10.59 -3.15 13.49
CA SER A 53 -9.87 -4.22 12.83
C SER A 53 -10.54 -5.54 13.15
N SER A 54 -10.67 -6.40 12.15
CA SER A 54 -11.28 -7.70 12.32
C SER A 54 -10.59 -8.69 11.38
N TRP A 55 -11.04 -9.95 11.45
CA TRP A 55 -10.55 -10.98 10.55
C TRP A 55 -11.58 -11.22 9.44
N ASP A 56 -11.07 -11.61 8.27
CA ASP A 56 -11.86 -11.56 7.05
C ASP A 56 -12.61 -12.86 6.77
N ASN A 57 -11.90 -13.97 6.62
CA ASN A 57 -12.42 -15.18 6.00
C ASN A 57 -12.50 -16.31 7.02
N GLN A 58 -13.64 -16.46 7.68
CA GLN A 58 -13.79 -17.49 8.70
C GLN A 58 -13.47 -18.86 8.12
N CYS A 59 -12.77 -19.66 8.91
CA CYS A 59 -12.34 -20.99 8.50
C CYS A 59 -13.38 -22.05 8.88
N GLN A 60 -13.26 -23.21 8.25
CA GLN A 60 -14.12 -24.35 8.54
C GLN A 60 -13.38 -25.63 8.21
N CYS A 61 -13.88 -26.74 8.74
CA CYS A 61 -13.28 -28.05 8.49
C CYS A 61 -14.39 -29.11 8.50
N THR A 62 -14.12 -30.22 7.81
CA THR A 62 -15.09 -31.30 7.72
C THR A 62 -14.34 -32.62 7.60
N SER A 63 -15.06 -33.71 7.87
CA SER A 63 -14.43 -35.03 7.85
C SER A 63 -13.87 -35.33 6.47
N SER A 64 -12.63 -35.81 6.43
CA SER A 64 -11.98 -36.16 5.18
C SER A 64 -12.33 -37.54 4.69
N ALA A 65 -13.04 -38.34 5.49
CA ALA A 65 -13.47 -39.66 5.09
C ALA A 65 -14.97 -39.82 5.29
N ALA A 98 -10.08 -5.64 25.70
CA ALA A 98 -9.72 -4.33 25.16
C ALA A 98 -9.07 -4.46 23.79
N SER A 99 -9.28 -3.46 22.95
CA SER A 99 -8.68 -3.43 21.62
C SER A 99 -7.44 -2.55 21.63
N LEU A 100 -6.66 -2.65 20.55
CA LEU A 100 -5.45 -1.86 20.39
C LEU A 100 -5.44 -1.26 18.99
N PRO A 101 -5.25 0.04 18.85
CA PRO A 101 -5.33 0.65 17.51
C PRO A 101 -4.42 -0.03 16.50
N GLY A 102 -5.00 -0.46 15.40
CA GLY A 102 -4.23 -1.02 14.31
C GLY A 102 -3.89 -2.48 14.46
N HIS A 103 -4.53 -3.20 15.39
CA HIS A 103 -4.20 -4.58 15.67
C HIS A 103 -5.48 -5.38 15.88
N CYS A 104 -5.48 -6.60 15.35
CA CYS A 104 -6.49 -7.60 15.66
C CYS A 104 -6.09 -8.38 16.91
N ARG A 105 -7.04 -9.14 17.45
CA ARG A 105 -6.79 -10.03 18.57
C ARG A 105 -6.74 -11.48 18.09
N GLU A 106 -6.56 -12.39 19.02
CA GLU A 106 -6.57 -13.81 18.68
C GLU A 106 -7.92 -14.18 18.10
N PRO A 107 -7.97 -14.76 16.89
CA PRO A 107 -9.24 -15.30 16.41
C PRO A 107 -9.64 -16.51 17.22
N PRO A 108 -10.93 -16.66 17.51
CA PRO A 108 -11.36 -17.78 18.36
C PRO A 108 -11.04 -19.11 17.71
N PRO A 109 -10.83 -20.16 18.50
CA PRO A 109 -10.60 -21.48 17.89
C PRO A 109 -11.83 -21.95 17.14
N TRP A 110 -11.59 -22.64 16.03
CA TRP A 110 -12.68 -23.23 15.25
C TRP A 110 -12.64 -24.74 15.35
N GLU A 111 -13.80 -25.35 15.11
CA GLU A 111 -13.96 -26.79 15.35
C GLU A 111 -12.94 -27.59 14.56
N ASN A 112 -12.37 -28.59 15.22
CA ASN A 112 -11.40 -29.50 14.60
C ASN A 112 -10.22 -28.75 14.01
N GLU A 113 -9.83 -27.64 14.65
CA GLU A 113 -8.66 -26.90 14.22
C GLU A 113 -7.39 -27.71 14.47
N ALA A 114 -6.37 -27.44 13.65
CA ALA A 114 -5.08 -28.08 13.84
C ALA A 114 -4.57 -27.83 15.26
N THR A 115 -3.51 -28.55 15.63
CA THR A 115 -2.92 -28.39 16.94
C THR A 115 -2.05 -27.15 17.05
N GLU A 116 -1.59 -26.61 15.93
CA GLU A 116 -0.77 -25.41 15.90
C GLU A 116 -1.32 -24.45 14.86
N ARG A 117 -0.87 -23.20 14.94
CA ARG A 117 -1.32 -22.14 14.04
C ARG A 117 -0.14 -21.56 13.27
N ILE A 118 -0.37 -21.28 12.00
CA ILE A 118 0.62 -20.70 11.11
C ILE A 118 0.21 -19.26 10.85
N TYR A 119 1.12 -18.33 11.14
CA TYR A 119 0.87 -16.90 11.00
C TYR A 119 1.84 -16.32 10.00
N HIS A 120 1.39 -15.32 9.26
CA HIS A 120 2.22 -14.58 8.32
C HIS A 120 2.24 -13.13 8.81
N PHE A 121 3.28 -12.79 9.54
CA PHE A 121 3.37 -11.49 10.20
C PHE A 121 3.89 -10.44 9.23
N VAL A 122 3.87 -9.19 9.69
CA VAL A 122 4.27 -8.04 8.90
C VAL A 122 5.27 -7.21 9.71
N VAL A 123 6.01 -6.36 8.99
CA VAL A 123 7.01 -5.53 9.65
C VAL A 123 6.36 -4.71 10.76
N GLY A 124 7.08 -4.54 11.85
CA GLY A 124 6.53 -3.91 13.03
C GLY A 124 5.83 -4.85 13.97
N GLN A 125 5.88 -6.16 13.72
CA GLN A 125 5.28 -7.13 14.62
C GLN A 125 6.22 -7.40 15.78
N MET A 126 5.64 -7.51 16.98
CA MET A 126 6.40 -7.81 18.19
C MET A 126 5.92 -9.14 18.74
N VAL A 127 6.86 -10.06 18.95
CA VAL A 127 6.58 -11.42 19.40
C VAL A 127 7.40 -11.69 20.64
N TYR A 128 6.75 -12.15 21.71
CA TYR A 128 7.39 -12.40 22.99
C TYR A 128 7.64 -13.89 23.17
N TYR A 129 8.80 -14.23 23.73
CA TYR A 129 9.20 -15.61 23.94
C TYR A 129 8.95 -16.04 25.38
N GLN A 130 8.86 -17.36 25.56
CA GLN A 130 8.70 -17.95 26.89
C GLN A 130 9.19 -19.39 26.84
N CYS A 131 9.96 -19.78 27.87
CA CYS A 131 10.48 -21.14 27.94
C CYS A 131 9.33 -22.13 28.10
N VAL A 132 9.45 -23.28 27.43
CA VAL A 132 8.42 -24.29 27.44
C VAL A 132 8.26 -24.84 28.85
N GLN A 133 7.18 -25.57 29.09
CA GLN A 133 6.92 -26.11 30.42
C GLN A 133 8.09 -26.97 30.90
N GLY A 134 8.46 -26.78 32.16
CA GLY A 134 9.54 -27.54 32.76
C GLY A 134 10.88 -26.83 32.77
N TYR A 135 11.02 -25.74 32.03
CA TYR A 135 12.27 -25.01 31.95
C TYR A 135 12.19 -23.74 32.80
N ARG A 136 13.30 -23.01 32.86
CA ARG A 136 13.35 -21.72 33.54
C ARG A 136 14.29 -20.81 32.77
N ALA A 137 14.14 -19.51 33.00
CA ALA A 137 14.83 -18.48 32.23
C ALA A 137 16.06 -18.01 33.00
N LEU A 138 17.24 -18.15 32.39
CA LEU A 138 18.50 -17.73 33.00
C LEU A 138 18.89 -16.31 32.57
N HIS A 139 17.97 -15.35 32.75
CA HIS A 139 18.24 -13.98 32.35
C HIS A 139 17.28 -13.06 33.08
N ARG A 140 17.56 -11.76 32.97
CA ARG A 140 16.70 -10.72 33.51
C ARG A 140 16.20 -9.74 32.45
N GLY A 141 16.65 -9.87 31.20
CA GLY A 141 16.28 -8.93 30.16
C GLY A 141 14.96 -9.27 29.53
N PRO A 142 14.59 -8.48 28.52
CA PRO A 142 13.29 -8.67 27.85
C PRO A 142 13.38 -9.71 26.75
N ALA A 143 12.53 -10.73 26.85
CA ALA A 143 12.43 -11.77 25.82
C ALA A 143 11.45 -11.30 24.75
N GLU A 144 11.96 -10.46 23.84
CA GLU A 144 11.16 -9.83 22.81
C GLU A 144 11.87 -9.90 21.48
N SER A 145 11.09 -9.94 20.40
CA SER A 145 11.60 -9.94 19.04
C SER A 145 10.73 -9.03 18.19
N VAL A 146 11.32 -8.44 17.17
CA VAL A 146 10.62 -7.50 16.30
C VAL A 146 11.10 -7.71 14.87
N CYS A 147 10.15 -7.66 13.93
CA CYS A 147 10.47 -7.84 12.51
C CYS A 147 10.83 -6.49 11.92
N LYS A 148 12.11 -6.28 11.64
CA LYS A 148 12.59 -5.02 11.10
C LYS A 148 12.65 -5.05 9.58
N MET A 149 12.81 -3.87 8.99
CA MET A 149 12.90 -3.69 7.55
C MET A 149 14.14 -2.86 7.25
N THR A 150 15.09 -3.44 6.52
CA THR A 150 16.31 -2.73 6.17
C THR A 150 16.90 -3.36 4.91
N HIS A 151 17.25 -2.51 3.94
CA HIS A 151 17.94 -2.95 2.73
C HIS A 151 17.14 -4.01 1.98
N GLY A 152 15.82 -3.87 1.98
CA GLY A 152 14.97 -4.77 1.23
C GLY A 152 14.80 -6.15 1.83
N LYS A 153 15.33 -6.40 3.02
CA LYS A 153 15.23 -7.70 3.67
C LYS A 153 14.75 -7.51 5.10
N THR A 154 13.85 -8.39 5.54
CA THR A 154 13.23 -8.31 6.86
C THR A 154 13.56 -9.57 7.65
N ARG A 155 14.09 -9.38 8.85
CA ARG A 155 14.32 -10.50 9.77
C ARG A 155 14.21 -10.00 11.19
N TRP A 156 14.00 -10.94 12.10
CA TRP A 156 13.69 -10.64 13.49
C TRP A 156 14.98 -10.54 14.31
N THR A 157 14.97 -9.61 15.25
CA THR A 157 16.10 -9.45 16.16
C THR A 157 16.21 -10.69 17.06
N GLN A 158 17.44 -11.12 17.28
CA GLN A 158 17.66 -12.33 18.07
C GLN A 158 17.28 -12.08 19.52
N PRO A 159 16.34 -12.83 20.09
CA PRO A 159 16.01 -12.64 21.51
C PRO A 159 17.20 -12.97 22.39
N GLN A 160 17.31 -12.24 23.51
CA GLN A 160 18.35 -12.48 24.51
C GLN A 160 17.81 -13.39 25.61
N LEU A 161 17.48 -14.61 25.23
CA LEU A 161 16.85 -15.57 26.12
C LEU A 161 17.57 -16.91 26.04
N ILE A 162 17.68 -17.57 27.19
CA ILE A 162 18.23 -18.93 27.27
C ILE A 162 17.39 -19.72 28.25
N CYS A 163 17.00 -20.93 27.86
CA CYS A 163 16.14 -21.79 28.66
C CYS A 163 16.93 -23.00 29.13
N THR A 164 16.93 -23.24 30.43
CA THR A 164 17.66 -24.36 31.03
C THR A 164 16.75 -25.06 32.02
N GLY A 165 16.85 -26.39 32.06
CA GLY A 165 16.07 -27.19 32.99
C GLY A 165 16.86 -27.52 34.25
N ALA B 1 -44.50 7.50 -35.01
CA ALA B 1 -43.45 7.22 -36.02
C ALA B 1 -43.93 6.22 -37.06
N VAL B 2 -43.22 6.14 -38.17
CA VAL B 2 -43.56 5.24 -39.26
C VAL B 2 -42.64 4.02 -39.19
N ASN B 3 -43.19 2.88 -39.61
CA ASN B 3 -42.45 1.61 -39.56
C ASN B 3 -41.63 1.44 -40.85
N GLY B 4 -40.60 2.28 -40.96
CA GLY B 4 -39.66 2.20 -42.06
C GLY B 4 -38.53 1.23 -41.76
N THR B 5 -37.57 1.17 -42.69
CA THR B 5 -36.42 0.31 -42.50
C THR B 5 -35.70 0.68 -41.20
N SER B 6 -35.36 -0.34 -40.41
CA SER B 6 -34.73 -0.13 -39.11
C SER B 6 -33.64 -1.17 -38.93
N GLN B 7 -32.50 -0.73 -38.40
CA GLN B 7 -31.38 -1.61 -38.12
C GLN B 7 -30.79 -1.25 -36.76
N PHE B 8 -30.18 -2.26 -36.13
CA PHE B 8 -29.59 -2.09 -34.80
C PHE B 8 -28.39 -3.04 -34.75
N THR B 9 -27.21 -2.49 -35.03
CA THR B 9 -26.00 -3.26 -35.21
C THR B 9 -24.99 -2.89 -34.13
N CYS B 10 -24.39 -3.89 -33.51
CA CYS B 10 -23.40 -3.69 -32.47
C CYS B 10 -22.20 -4.57 -32.72
N PHE B 11 -21.05 -4.13 -32.23
CA PHE B 11 -19.81 -4.88 -32.33
C PHE B 11 -19.06 -4.78 -31.01
N TYR B 12 -18.19 -5.74 -30.77
CA TYR B 12 -17.48 -5.87 -29.50
C TYR B 12 -15.99 -5.91 -29.76
N ASN B 13 -15.25 -4.99 -29.15
CA ASN B 13 -13.82 -4.85 -29.38
C ASN B 13 -12.99 -5.94 -28.71
N SER B 14 -13.65 -6.94 -28.13
CA SER B 14 -13.08 -8.13 -27.49
C SER B 14 -12.61 -7.88 -26.07
N ARG B 15 -12.56 -6.64 -25.58
CA ARG B 15 -12.16 -6.43 -24.19
C ARG B 15 -13.25 -5.80 -23.33
N ALA B 16 -13.64 -4.55 -23.63
CA ALA B 16 -14.53 -3.85 -22.72
C ALA B 16 -15.50 -2.87 -23.39
N ASN B 17 -15.71 -2.91 -24.71
CA ASN B 17 -16.37 -1.81 -25.40
C ASN B 17 -17.30 -2.37 -26.47
N ILE B 18 -18.60 -2.17 -26.28
CA ILE B 18 -19.61 -2.55 -27.28
C ILE B 18 -20.15 -1.28 -27.91
N SER B 19 -19.86 -1.08 -29.19
CA SER B 19 -20.30 0.11 -29.92
C SER B 19 -21.50 -0.23 -30.78
N CYS B 20 -22.58 0.51 -30.59
CA CYS B 20 -23.84 0.26 -31.28
C CYS B 20 -24.23 1.46 -32.13
N VAL B 21 -25.00 1.19 -33.18
CA VAL B 21 -25.62 2.22 -34.01
C VAL B 21 -27.05 1.81 -34.29
N TRP B 22 -27.99 2.71 -34.02
CA TRP B 22 -29.40 2.48 -34.28
C TRP B 22 -29.88 3.55 -35.24
N SER B 23 -30.52 3.14 -36.33
CA SER B 23 -30.99 4.06 -37.35
C SER B 23 -32.40 3.70 -37.75
N GLN B 24 -33.29 4.69 -37.77
CA GLN B 24 -34.66 4.51 -38.22
C GLN B 24 -35.08 5.78 -38.93
N ASP B 25 -35.50 5.65 -40.19
CA ASP B 25 -35.89 6.81 -40.97
C ASP B 25 -37.15 7.48 -40.44
N GLY B 26 -38.01 6.75 -39.73
CA GLY B 26 -39.24 7.28 -39.20
C GLY B 26 -39.14 7.90 -37.84
N ALA B 27 -37.93 8.04 -37.29
CA ALA B 27 -37.77 8.59 -35.95
C ALA B 27 -38.13 10.07 -35.94
N LEU B 28 -38.85 10.49 -34.90
CA LEU B 28 -39.19 11.89 -34.74
C LEU B 28 -37.97 12.69 -34.28
N GLN B 29 -38.05 14.01 -34.45
CA GLN B 29 -36.95 14.88 -34.10
C GLN B 29 -36.81 15.02 -32.59
N ASP B 30 -35.58 15.26 -32.15
CA ASP B 30 -35.28 15.54 -30.75
C ASP B 30 -35.85 14.44 -29.84
N THR B 31 -35.59 13.19 -30.21
CA THR B 31 -36.01 12.04 -29.42
C THR B 31 -34.84 11.55 -28.58
N SER B 32 -35.10 11.30 -27.30
CA SER B 32 -34.10 10.82 -26.37
C SER B 32 -34.21 9.31 -26.23
N CYS B 33 -33.08 8.63 -26.28
CA CYS B 33 -33.07 7.17 -26.21
C CYS B 33 -31.78 6.70 -25.54
N GLN B 34 -31.73 5.39 -25.29
CA GLN B 34 -30.55 4.76 -24.71
C GLN B 34 -30.55 3.29 -25.11
N VAL B 35 -29.41 2.64 -24.92
CA VAL B 35 -29.27 1.22 -25.19
C VAL B 35 -28.84 0.54 -23.90
N HIS B 36 -29.54 -0.53 -23.54
CA HIS B 36 -29.40 -1.19 -22.24
C HIS B 36 -28.84 -2.59 -22.44
N ALA B 37 -27.75 -2.90 -21.75
CA ALA B 37 -27.12 -4.22 -21.80
C ALA B 37 -27.49 -5.03 -20.57
N TRP B 38 -27.94 -6.27 -20.78
CA TRP B 38 -28.45 -7.12 -19.72
C TRP B 38 -27.83 -8.51 -19.81
N PRO B 39 -26.57 -8.65 -19.41
CA PRO B 39 -25.94 -9.97 -19.43
C PRO B 39 -26.65 -10.94 -18.49
N ASP B 40 -26.65 -12.22 -18.86
CA ASP B 40 -27.30 -13.24 -18.07
C ASP B 40 -26.33 -13.96 -17.13
N ARG B 41 -25.05 -14.06 -17.49
CA ARG B 41 -24.06 -14.72 -16.67
C ARG B 41 -23.28 -13.75 -15.78
N ARG B 42 -23.62 -12.46 -15.80
CA ARG B 42 -22.91 -11.46 -15.03
C ARG B 42 -23.91 -10.70 -14.17
N ARG B 43 -23.39 -10.06 -13.11
CA ARG B 43 -24.21 -9.35 -12.14
C ARG B 43 -24.11 -7.84 -12.30
N TRP B 44 -24.05 -7.34 -13.53
CA TRP B 44 -24.06 -5.91 -13.78
C TRP B 44 -24.83 -5.63 -15.06
N ASN B 45 -25.26 -4.39 -15.21
CA ASN B 45 -25.86 -3.89 -16.44
C ASN B 45 -25.03 -2.72 -16.96
N GLN B 46 -25.50 -2.12 -18.05
CA GLN B 46 -24.85 -0.96 -18.63
C GLN B 46 -25.85 -0.21 -19.48
N THR B 47 -25.52 1.05 -19.79
CA THR B 47 -26.39 1.89 -20.59
C THR B 47 -25.59 3.08 -21.12
N CYS B 48 -25.86 3.46 -22.37
CA CYS B 48 -25.38 4.71 -22.94
C CYS B 48 -26.54 5.40 -23.65
N GLU B 49 -26.41 6.71 -23.81
CA GLU B 49 -27.46 7.52 -24.43
C GLU B 49 -27.13 7.70 -25.91
N LEU B 50 -28.14 7.48 -26.75
CA LEU B 50 -27.95 7.50 -28.20
C LEU B 50 -27.79 8.92 -28.72
N LEU B 51 -26.55 9.37 -28.87
CA LEU B 51 -26.31 10.68 -29.43
C LEU B 51 -26.43 10.63 -30.96
N PRO B 52 -26.81 11.74 -31.59
CA PRO B 52 -26.96 11.73 -33.05
C PRO B 52 -25.61 11.75 -33.76
N VAL B 53 -25.55 11.05 -34.90
CA VAL B 53 -24.35 10.99 -35.71
C VAL B 53 -24.69 11.41 -37.14
N SER B 54 -25.95 11.25 -37.53
CA SER B 54 -26.39 11.61 -38.87
C SER B 54 -27.82 12.14 -38.77
N GLN B 55 -28.47 12.31 -39.93
CA GLN B 55 -29.82 12.82 -39.94
C GLN B 55 -30.79 11.86 -39.26
N ALA B 56 -30.62 10.56 -39.51
CA ALA B 56 -31.53 9.53 -39.00
C ALA B 56 -30.74 8.35 -38.46
N SER B 57 -29.70 8.62 -37.69
CA SER B 57 -28.91 7.57 -37.08
C SER B 57 -28.32 8.08 -35.77
N TRP B 58 -27.95 7.14 -34.90
CA TRP B 58 -27.35 7.45 -33.62
C TRP B 58 -26.25 6.44 -33.34
N ALA B 59 -25.52 6.65 -32.25
CA ALA B 59 -24.47 5.73 -31.85
C ALA B 59 -23.94 6.11 -30.47
N CYS B 60 -23.69 5.10 -29.65
CA CYS B 60 -23.08 5.29 -28.35
C CYS B 60 -22.19 4.09 -28.05
N ASN B 61 -21.51 4.15 -26.91
CA ASN B 61 -20.57 3.11 -26.49
C ASN B 61 -20.95 2.63 -25.09
N LEU B 62 -21.10 1.32 -24.95
CA LEU B 62 -21.29 0.68 -23.65
C LEU B 62 -19.93 0.29 -23.11
N ILE B 63 -19.34 1.19 -22.32
CA ILE B 63 -18.05 0.93 -21.69
C ILE B 63 -18.31 0.07 -20.45
N LEU B 64 -17.72 -1.11 -20.41
CA LEU B 64 -17.97 -2.09 -19.36
C LEU B 64 -16.86 -2.13 -18.31
N GLY B 65 -15.74 -1.47 -18.55
CA GLY B 65 -14.65 -1.48 -17.59
C GLY B 65 -13.42 -0.82 -18.18
N ALA B 66 -12.29 -1.10 -17.56
CA ALA B 66 -11.03 -0.54 -18.03
C ALA B 66 -10.78 -0.98 -19.47
N PRO B 67 -10.14 -0.13 -20.29
CA PRO B 67 -10.06 -0.45 -21.72
C PRO B 67 -9.41 -1.79 -22.01
N ASP B 68 -8.31 -2.11 -21.34
CA ASP B 68 -7.64 -3.40 -21.51
C ASP B 68 -8.02 -4.34 -20.37
N SER B 69 -9.27 -4.80 -20.39
CA SER B 69 -9.76 -5.77 -19.43
C SER B 69 -10.78 -6.68 -20.08
N GLN B 70 -10.83 -7.93 -19.62
CA GLN B 70 -11.76 -8.92 -20.15
C GLN B 70 -13.04 -8.86 -19.33
N LYS B 71 -14.09 -8.32 -19.93
CA LYS B 71 -15.38 -8.22 -19.28
C LYS B 71 -16.39 -9.22 -19.80
N LEU B 72 -16.04 -10.01 -20.82
CA LEU B 72 -16.94 -10.99 -21.39
C LEU B 72 -16.12 -12.16 -21.91
N THR B 73 -16.80 -13.30 -22.05
CA THR B 73 -16.18 -14.54 -22.52
C THR B 73 -17.04 -15.15 -23.61
N THR B 74 -16.51 -16.22 -24.21
CA THR B 74 -17.17 -16.86 -25.33
C THR B 74 -18.47 -17.55 -24.95
N VAL B 75 -18.86 -17.53 -23.68
CA VAL B 75 -20.07 -18.18 -23.21
C VAL B 75 -21.16 -17.19 -22.83
N ASP B 76 -20.91 -15.90 -23.00
CA ASP B 76 -21.84 -14.88 -22.54
C ASP B 76 -22.87 -14.54 -23.62
N ILE B 77 -24.03 -14.09 -23.17
CA ILE B 77 -25.08 -13.56 -24.04
C ILE B 77 -25.61 -12.29 -23.39
N VAL B 78 -25.49 -11.17 -24.09
CA VAL B 78 -25.91 -9.87 -23.59
C VAL B 78 -27.09 -9.42 -24.44
N THR B 79 -28.22 -9.13 -23.79
CA THR B 79 -29.39 -8.65 -24.49
C THR B 79 -29.32 -7.13 -24.60
N LEU B 80 -29.11 -6.63 -25.81
CA LEU B 80 -29.04 -5.21 -26.08
C LEU B 80 -30.39 -4.76 -26.63
N ARG B 81 -30.98 -3.76 -26.00
CA ARG B 81 -32.29 -3.25 -26.37
C ARG B 81 -32.26 -1.74 -26.41
N VAL B 82 -32.97 -1.16 -27.37
CA VAL B 82 -33.10 0.29 -27.50
C VAL B 82 -34.35 0.73 -26.77
N LEU B 83 -34.21 1.76 -25.94
CA LEU B 83 -35.30 2.31 -25.15
C LEU B 83 -35.37 3.81 -25.41
N CYS B 84 -36.41 4.26 -26.10
CA CYS B 84 -36.60 5.66 -26.43
C CYS B 84 -37.60 6.27 -25.46
N ARG B 85 -37.15 7.24 -24.66
CA ARG B 85 -38.01 7.87 -23.69
C ARG B 85 -39.24 8.48 -24.36
N GLU B 86 -40.40 8.25 -23.75
CA GLU B 86 -41.67 8.81 -24.23
C GLU B 86 -42.44 9.26 -22.99
N GLY B 87 -42.29 10.52 -22.63
CA GLY B 87 -42.86 11.02 -21.40
C GLY B 87 -42.11 10.52 -20.19
N VAL B 88 -42.73 9.63 -19.42
CA VAL B 88 -42.07 8.98 -18.29
C VAL B 88 -41.83 7.50 -18.54
N ARG B 89 -42.52 6.87 -19.49
CA ARG B 89 -42.33 5.47 -19.78
C ARG B 89 -41.16 5.28 -20.74
N TRP B 90 -40.53 4.12 -20.65
CA TRP B 90 -39.49 3.71 -21.58
C TRP B 90 -40.09 2.75 -22.61
N ARG B 91 -39.91 3.06 -23.88
CA ARG B 91 -40.46 2.27 -24.97
C ARG B 91 -39.34 1.46 -25.62
N VAL B 92 -39.56 0.16 -25.80
CA VAL B 92 -38.57 -0.72 -26.41
C VAL B 92 -38.77 -0.67 -27.92
N MET B 93 -37.78 -0.13 -28.64
CA MET B 93 -37.83 0.00 -30.08
C MET B 93 -37.15 -1.14 -30.81
N ALA B 94 -36.03 -1.64 -30.30
CA ALA B 94 -35.28 -2.71 -30.94
C ALA B 94 -34.75 -3.66 -29.88
N ILE B 95 -34.33 -4.84 -30.32
CA ILE B 95 -33.82 -5.87 -29.43
C ILE B 95 -32.92 -6.80 -30.23
N GLN B 96 -31.91 -7.36 -29.55
CA GLN B 96 -31.06 -8.37 -30.16
C GLN B 96 -30.32 -9.12 -29.08
N ASP B 97 -30.15 -10.43 -29.28
CA ASP B 97 -29.36 -11.28 -28.38
C ASP B 97 -27.92 -11.28 -28.88
N PHE B 98 -27.12 -10.39 -28.31
CA PHE B 98 -25.77 -10.12 -28.78
C PHE B 98 -24.80 -11.11 -28.14
N LYS B 99 -24.22 -11.99 -28.97
CA LYS B 99 -23.17 -12.88 -28.50
C LYS B 99 -21.83 -12.20 -28.74
N PRO B 100 -21.10 -11.78 -27.69
CA PRO B 100 -19.95 -10.90 -27.92
C PRO B 100 -18.91 -11.45 -28.88
N PHE B 101 -18.58 -12.74 -28.82
CA PHE B 101 -17.48 -13.26 -29.60
C PHE B 101 -17.90 -13.74 -30.98
N GLU B 102 -19.18 -13.58 -31.33
CA GLU B 102 -19.60 -13.75 -32.72
C GLU B 102 -19.57 -12.45 -33.50
N ASN B 103 -19.64 -11.32 -32.82
CA ASN B 103 -19.72 -9.99 -33.42
C ASN B 103 -18.53 -9.14 -33.04
N LEU B 104 -17.32 -9.66 -33.19
CA LEU B 104 -16.13 -8.91 -32.82
C LEU B 104 -15.78 -7.88 -33.89
N ARG B 105 -15.16 -6.78 -33.46
CA ARG B 105 -14.53 -5.84 -34.37
C ARG B 105 -13.44 -5.12 -33.58
N LEU B 106 -12.18 -5.45 -33.83
CA LEU B 106 -11.10 -4.95 -33.01
C LEU B 106 -10.78 -3.50 -33.34
N MET B 107 -10.04 -2.87 -32.44
CA MET B 107 -9.52 -1.53 -32.71
C MET B 107 -8.47 -1.58 -33.80
N ALA B 108 -8.39 -0.52 -34.59
CA ALA B 108 -7.42 -0.49 -35.66
C ALA B 108 -6.01 -0.60 -35.10
N PRO B 109 -5.10 -1.31 -35.77
CA PRO B 109 -3.74 -1.43 -35.24
C PRO B 109 -3.11 -0.06 -35.01
N ILE B 110 -2.39 0.06 -33.90
CA ILE B 110 -1.79 1.32 -33.49
C ILE B 110 -0.27 1.17 -33.53
N SER B 111 0.42 2.26 -33.21
CA SER B 111 1.86 2.26 -33.04
C SER B 111 2.59 1.83 -34.31
N LEU B 112 2.02 2.16 -35.46
CA LEU B 112 2.71 1.89 -36.71
C LEU B 112 4.02 2.67 -36.76
N GLN B 113 5.09 2.01 -37.15
CA GLN B 113 6.36 2.69 -37.32
C GLN B 113 7.24 1.88 -38.25
N VAL B 114 8.09 2.57 -39.00
CA VAL B 114 9.01 1.90 -39.91
C VAL B 114 10.17 1.33 -39.11
N VAL B 115 10.35 0.01 -39.17
CA VAL B 115 11.49 -0.62 -38.54
C VAL B 115 12.73 -0.47 -39.39
N HIS B 116 12.57 -0.31 -40.71
CA HIS B 116 13.71 -0.14 -41.60
C HIS B 116 13.19 0.35 -42.94
N VAL B 117 14.04 1.09 -43.65
CA VAL B 117 13.71 1.61 -44.97
C VAL B 117 14.96 1.52 -45.84
N GLU B 118 14.76 1.12 -47.10
CA GLU B 118 15.85 0.96 -48.05
C GLU B 118 15.41 1.53 -49.39
N THR B 119 16.30 1.44 -50.38
CA THR B 119 16.00 2.00 -51.69
C THR B 119 14.81 1.31 -52.34
N HIS B 120 14.51 0.08 -51.94
CA HIS B 120 13.42 -0.67 -52.57
C HIS B 120 12.59 -1.46 -51.57
N ARG B 121 12.81 -1.30 -50.28
CA ARG B 121 12.17 -2.13 -49.27
C ARG B 121 11.75 -1.27 -48.10
N CYS B 122 10.85 -1.80 -47.28
CA CYS B 122 10.48 -1.14 -46.04
C CYS B 122 9.84 -2.16 -45.12
N ASN B 123 10.47 -2.41 -43.98
CA ASN B 123 9.90 -3.23 -42.93
C ASN B 123 9.11 -2.31 -42.01
N ILE B 124 7.83 -2.60 -41.82
CA ILE B 124 6.93 -1.77 -41.03
C ILE B 124 6.26 -2.64 -39.99
N SER B 125 6.39 -2.25 -38.72
CA SER B 125 5.82 -2.98 -37.61
C SER B 125 4.64 -2.22 -37.04
N TRP B 126 3.82 -2.91 -36.26
CA TRP B 126 2.69 -2.29 -35.59
C TRP B 126 2.34 -3.12 -34.36
N GLU B 127 1.34 -2.64 -33.63
CA GLU B 127 0.79 -3.34 -32.48
C GLU B 127 -0.72 -3.38 -32.62
N ILE B 128 -1.36 -4.23 -31.84
CA ILE B 128 -2.81 -4.35 -31.82
C ILE B 128 -3.31 -3.87 -30.47
N SER B 129 -4.36 -3.06 -30.49
CA SER B 129 -4.85 -2.39 -29.29
C SER B 129 -6.00 -3.17 -28.69
N GLN B 130 -5.92 -3.41 -27.38
CA GLN B 130 -7.04 -3.96 -26.63
C GLN B 130 -7.55 -5.25 -27.26
N ALA B 131 -6.62 -6.12 -27.64
CA ALA B 131 -6.96 -7.41 -28.23
C ALA B 131 -6.99 -8.46 -27.13
N SER B 132 -8.06 -9.25 -27.11
CA SER B 132 -8.25 -10.24 -26.05
C SER B 132 -7.16 -11.30 -26.10
N HIS B 133 -6.77 -11.79 -24.93
CA HIS B 133 -5.78 -12.86 -24.85
C HIS B 133 -6.33 -14.20 -25.30
N TYR B 134 -7.65 -14.31 -25.45
CA TYR B 134 -8.24 -15.56 -25.91
C TYR B 134 -7.87 -15.85 -27.36
N PHE B 135 -7.67 -14.81 -28.17
CA PHE B 135 -7.36 -15.02 -29.57
C PHE B 135 -6.07 -15.82 -29.75
N GLU B 136 -5.04 -15.46 -29.00
CA GLU B 136 -3.72 -16.07 -29.13
C GLU B 136 -3.24 -15.77 -30.55
N ARG B 137 -2.84 -16.75 -31.34
CA ARG B 137 -2.35 -16.49 -32.69
C ARG B 137 -3.46 -16.45 -33.73
N HIS B 138 -4.71 -16.55 -33.32
CA HIS B 138 -5.82 -16.64 -34.26
C HIS B 138 -6.25 -15.28 -34.76
N LEU B 139 -5.35 -14.60 -35.46
CA LEU B 139 -5.62 -13.28 -36.02
C LEU B 139 -5.05 -13.23 -37.43
N GLU B 140 -5.65 -12.37 -38.25
CA GLU B 140 -5.16 -12.13 -39.60
C GLU B 140 -5.19 -10.62 -39.87
N PHE B 141 -4.34 -10.18 -40.78
CA PHE B 141 -4.15 -8.78 -41.08
C PHE B 141 -4.31 -8.53 -42.58
N GLU B 142 -4.53 -7.26 -42.92
CA GLU B 142 -4.63 -6.83 -44.31
C GLU B 142 -4.06 -5.43 -44.40
N ALA B 143 -3.09 -5.24 -45.28
CA ALA B 143 -2.41 -3.97 -45.44
C ALA B 143 -2.57 -3.48 -46.88
N ARG B 144 -2.30 -2.19 -47.07
CA ARG B 144 -2.25 -1.62 -48.41
C ARG B 144 -1.34 -0.41 -48.39
N THR B 145 -0.66 -0.18 -49.50
CA THR B 145 0.26 0.94 -49.64
C THR B 145 -0.19 1.81 -50.81
N LEU B 146 -0.03 3.12 -50.67
CA LEU B 146 -0.43 4.09 -51.68
C LEU B 146 0.78 4.59 -52.44
N SER B 147 0.73 4.47 -53.75
CA SER B 147 1.78 4.95 -54.63
C SER B 147 1.29 6.16 -55.43
N PRO B 148 2.20 7.03 -55.88
CA PRO B 148 1.77 8.19 -56.65
C PRO B 148 1.01 7.77 -57.91
N GLY B 149 0.01 8.58 -58.27
CA GLY B 149 -0.80 8.31 -59.44
C GLY B 149 -1.97 7.38 -59.20
N HIS B 150 -2.18 6.93 -57.96
CA HIS B 150 -3.28 6.05 -57.63
C HIS B 150 -3.95 6.54 -56.35
N THR B 151 -5.19 6.12 -56.16
CA THR B 151 -5.95 6.41 -54.96
C THR B 151 -5.95 5.21 -54.03
N TRP B 152 -6.47 5.39 -52.82
CA TRP B 152 -6.48 4.31 -51.85
C TRP B 152 -7.19 3.08 -52.41
N GLU B 153 -8.29 3.30 -53.13
CA GLU B 153 -8.88 2.22 -53.91
C GLU B 153 -7.95 1.89 -55.08
N GLU B 154 -8.02 0.63 -55.53
CA GLU B 154 -7.18 0.05 -56.56
C GLU B 154 -5.79 -0.29 -56.02
N ALA B 155 -5.48 0.02 -54.77
CA ALA B 155 -4.27 -0.46 -54.15
C ALA B 155 -4.46 -1.93 -53.79
N PRO B 156 -3.63 -2.84 -54.31
CA PRO B 156 -3.84 -4.26 -54.01
C PRO B 156 -3.78 -4.53 -52.52
N LEU B 157 -4.64 -5.44 -52.06
CA LEU B 157 -4.69 -5.83 -50.66
C LEU B 157 -3.67 -6.93 -50.38
N LEU B 158 -2.83 -6.72 -49.37
CA LEU B 158 -1.83 -7.68 -48.95
C LEU B 158 -2.36 -8.43 -47.75
N THR B 159 -2.42 -9.76 -47.86
CA THR B 159 -3.01 -10.60 -46.83
C THR B 159 -1.92 -11.29 -46.02
N LEU B 160 -2.07 -11.25 -44.70
CA LEU B 160 -1.24 -12.03 -43.78
C LEU B 160 -2.19 -12.94 -43.02
N LYS B 161 -2.27 -14.20 -43.46
CA LYS B 161 -3.10 -15.19 -42.78
C LYS B 161 -2.36 -15.82 -41.60
N GLN B 162 -1.87 -14.96 -40.72
CA GLN B 162 -1.18 -15.35 -39.50
C GLN B 162 -1.01 -14.11 -38.66
N LYS B 163 -0.71 -14.31 -37.37
CA LYS B 163 -0.51 -13.19 -36.45
C LYS B 163 0.91 -12.66 -36.60
N GLN B 164 1.13 -11.96 -37.71
CA GLN B 164 2.41 -11.33 -38.00
C GLN B 164 2.20 -9.82 -37.94
N GLU B 165 2.79 -9.18 -36.94
CA GLU B 165 2.64 -7.74 -36.73
C GLU B 165 3.76 -6.95 -37.36
N TRP B 166 4.25 -7.39 -38.51
CA TRP B 166 5.17 -6.61 -39.32
C TRP B 166 4.96 -7.02 -40.77
N ILE B 167 5.58 -6.29 -41.68
CA ILE B 167 5.51 -6.63 -43.10
C ILE B 167 6.66 -5.96 -43.83
N CYS B 168 7.37 -6.71 -44.65
CA CYS B 168 8.49 -6.20 -45.42
C CYS B 168 7.99 -5.92 -46.84
N LEU B 169 7.49 -4.71 -47.06
CA LEU B 169 7.08 -4.30 -48.40
C LEU B 169 8.28 -4.34 -49.33
N GLU B 170 8.04 -4.80 -50.56
CA GLU B 170 9.12 -5.06 -51.49
C GLU B 170 8.81 -4.40 -52.83
N THR B 171 9.84 -4.30 -53.66
CA THR B 171 9.74 -3.75 -55.02
C THR B 171 9.17 -2.33 -55.00
N LEU B 172 9.48 -1.56 -53.96
CA LEU B 172 9.12 -0.15 -53.93
C LEU B 172 10.08 0.62 -54.83
N THR B 173 9.86 1.94 -54.92
CA THR B 173 10.62 2.77 -55.84
C THR B 173 11.51 3.74 -55.08
N PRO B 174 12.71 4.04 -55.58
CA PRO B 174 13.56 5.01 -54.88
C PRO B 174 12.93 6.40 -54.84
N ASP B 175 13.20 7.11 -53.76
CA ASP B 175 12.75 8.49 -53.56
C ASP B 175 11.27 8.64 -53.89
N THR B 176 10.44 7.87 -53.16
CA THR B 176 9.01 7.88 -53.35
C THR B 176 8.32 7.99 -51.99
N GLN B 177 7.16 8.64 -51.97
CA GLN B 177 6.40 8.84 -50.75
C GLN B 177 5.22 7.87 -50.75
N TYR B 178 5.11 7.10 -49.68
CA TYR B 178 4.10 6.07 -49.53
C TYR B 178 3.29 6.34 -48.27
N GLU B 179 2.13 5.70 -48.20
CA GLU B 179 1.32 5.69 -46.99
C GLU B 179 0.76 4.29 -46.80
N PHE B 180 0.79 3.81 -45.57
CA PHE B 180 0.55 2.41 -45.27
C PHE B 180 -0.52 2.30 -44.20
N GLN B 181 -1.55 1.52 -44.48
CA GLN B 181 -2.59 1.20 -43.51
C GLN B 181 -2.64 -0.30 -43.30
N VAL B 182 -3.39 -0.70 -42.28
CA VAL B 182 -3.54 -2.11 -41.95
C VAL B 182 -4.79 -2.27 -41.11
N ARG B 183 -5.40 -3.45 -41.19
CA ARG B 183 -6.54 -3.79 -40.35
C ARG B 183 -6.39 -5.23 -39.89
N VAL B 184 -7.14 -5.59 -38.87
CA VAL B 184 -7.01 -6.88 -38.20
C VAL B 184 -8.37 -7.51 -38.05
N LYS B 185 -8.40 -8.83 -37.96
CA LYS B 185 -9.64 -9.58 -37.86
C LYS B 185 -9.40 -10.91 -37.16
N PRO B 186 -10.14 -11.23 -36.09
CA PRO B 186 -10.05 -12.58 -35.54
C PRO B 186 -10.62 -13.62 -36.49
N LEU B 187 -10.09 -14.84 -36.42
CA LEU B 187 -10.69 -15.94 -37.16
C LEU B 187 -11.98 -16.43 -36.51
N GLN B 188 -12.20 -16.14 -35.24
CA GLN B 188 -13.41 -16.57 -34.56
C GLN B 188 -14.56 -15.63 -34.88
N GLY B 189 -15.77 -16.18 -34.91
CA GLY B 189 -16.96 -15.36 -35.03
C GLY B 189 -17.64 -15.41 -36.38
N GLU B 190 -18.97 -15.42 -36.37
CA GLU B 190 -19.73 -15.45 -37.61
C GLU B 190 -19.86 -14.06 -38.22
N PHE B 191 -20.28 -13.09 -37.41
CA PHE B 191 -20.47 -11.72 -37.86
C PHE B 191 -19.26 -10.84 -37.59
N THR B 192 -18.10 -11.42 -37.27
CA THR B 192 -16.88 -10.65 -37.11
C THR B 192 -16.53 -9.97 -38.43
N THR B 193 -16.04 -8.73 -38.34
CA THR B 193 -15.64 -7.95 -39.50
C THR B 193 -14.29 -7.31 -39.24
N TRP B 194 -13.72 -6.75 -40.31
CA TRP B 194 -12.41 -6.11 -40.21
C TRP B 194 -12.49 -4.86 -39.36
N SER B 195 -11.37 -4.53 -38.72
CA SER B 195 -11.25 -3.27 -38.01
C SER B 195 -11.11 -2.13 -39.02
N PRO B 196 -11.38 -0.90 -38.61
CA PRO B 196 -11.12 0.23 -39.50
C PRO B 196 -9.64 0.36 -39.81
N TRP B 197 -9.35 0.84 -41.02
CA TRP B 197 -7.96 1.03 -41.42
C TRP B 197 -7.24 1.92 -40.43
N SER B 198 -6.04 1.52 -40.05
CA SER B 198 -5.25 2.31 -39.12
C SER B 198 -4.92 3.66 -39.73
N GLN B 199 -4.57 4.62 -38.88
CA GLN B 199 -4.19 5.92 -39.38
C GLN B 199 -2.97 5.75 -40.30
N PRO B 200 -3.02 6.26 -41.53
CA PRO B 200 -1.92 5.98 -42.47
C PRO B 200 -0.57 6.43 -41.94
N LEU B 201 0.44 5.60 -42.17
CA LEU B 201 1.81 5.91 -41.80
C LEU B 201 2.55 6.34 -43.05
N ALA B 202 2.95 7.60 -43.10
CA ALA B 202 3.67 8.13 -44.26
C ALA B 202 5.16 7.84 -44.10
N PHE B 203 5.75 7.18 -45.08
CA PHE B 203 7.16 6.87 -45.07
C PHE B 203 7.73 7.10 -46.46
N ARG B 204 9.03 7.34 -46.52
CA ARG B 204 9.72 7.62 -47.77
C ARG B 204 10.90 6.67 -47.90
N THR B 205 11.26 6.37 -49.14
CA THR B 205 12.37 5.47 -49.41
C THR B 205 13.66 6.26 -49.58
N LYS B 206 14.78 5.53 -49.53
CA LYS B 206 16.09 6.14 -49.65
C LYS B 206 16.40 6.50 -51.10
N PRO B 207 17.18 7.55 -51.33
CA PRO B 207 17.65 7.82 -52.69
C PRO B 207 18.67 6.79 -53.15
N ALA B 208 18.70 6.57 -54.45
CA ALA B 208 19.62 5.59 -55.03
C ALA B 208 21.06 6.09 -54.97
N THR C 32 26.82 -49.06 -6.07
CA THR C 32 26.29 -48.09 -5.13
C THR C 32 26.18 -46.70 -5.77
N LEU C 33 26.77 -46.55 -6.95
CA LEU C 33 26.73 -45.28 -7.64
C LEU C 33 25.29 -44.99 -8.10
N PRO C 34 24.94 -43.70 -8.25
CA PRO C 34 23.58 -43.38 -8.68
C PRO C 34 23.26 -43.97 -10.05
N LEU C 35 22.01 -44.38 -10.22
CA LEU C 35 21.60 -44.99 -11.47
C LEU C 35 21.42 -43.93 -12.55
N PRO C 36 21.59 -44.31 -13.82
CA PRO C 36 21.41 -43.33 -14.89
C PRO C 36 19.97 -42.87 -15.01
N GLU C 37 19.81 -41.63 -15.44
CA GLU C 37 18.47 -41.10 -15.68
C GLU C 37 17.94 -41.62 -17.00
N VAL C 38 16.63 -41.87 -17.05
CA VAL C 38 15.98 -42.42 -18.23
C VAL C 38 15.31 -41.28 -18.99
N GLN C 39 15.60 -41.19 -20.29
CA GLN C 39 15.00 -40.22 -21.18
C GLN C 39 13.99 -40.95 -22.06
N CYS C 40 12.73 -40.56 -21.98
CA CYS C 40 11.66 -41.14 -22.78
C CYS C 40 11.21 -40.16 -23.84
N PHE C 41 10.85 -40.67 -25.00
CA PHE C 41 10.37 -39.85 -26.10
C PHE C 41 9.25 -40.59 -26.82
N VAL C 42 8.07 -39.98 -26.84
CA VAL C 42 6.95 -40.49 -27.62
C VAL C 42 7.07 -39.89 -29.02
N PHE C 43 7.18 -40.76 -30.03
CA PHE C 43 7.44 -40.33 -31.40
C PHE C 43 6.14 -40.41 -32.20
N ASN C 44 5.46 -39.28 -32.30
CA ASN C 44 4.19 -39.16 -33.01
C ASN C 44 3.07 -39.93 -32.34
N VAL C 45 3.21 -40.22 -31.04
CA VAL C 45 2.22 -41.01 -30.31
C VAL C 45 2.07 -42.36 -30.98
N GLU C 46 3.16 -42.86 -31.58
CA GLU C 46 3.17 -44.16 -32.22
C GLU C 46 4.00 -45.20 -31.48
N TYR C 47 4.96 -44.77 -30.67
CA TYR C 47 5.74 -45.68 -29.83
C TYR C 47 6.68 -44.82 -29.00
N MET C 48 7.16 -45.38 -27.89
CA MET C 48 8.03 -44.68 -26.96
C MET C 48 9.37 -45.37 -26.91
N ASN C 49 10.44 -44.59 -27.08
CA ASN C 49 11.80 -45.06 -26.93
C ASN C 49 12.37 -44.50 -25.64
N CYS C 50 12.69 -45.38 -24.70
CA CYS C 50 13.36 -45.01 -23.46
C CYS C 50 14.79 -45.48 -23.53
N THR C 51 15.73 -44.58 -23.26
CA THR C 51 17.15 -44.90 -23.33
C THR C 51 17.86 -44.35 -22.10
N TRP C 52 18.70 -45.19 -21.49
CA TRP C 52 19.52 -44.78 -20.36
C TRP C 52 20.97 -45.10 -20.67
N GLN C 53 21.87 -44.29 -20.12
CA GLN C 53 23.30 -44.38 -20.42
C GLN C 53 23.92 -45.44 -19.52
N SER C 54 23.92 -46.69 -20.02
CA SER C 54 24.58 -47.78 -19.30
C SER C 54 26.09 -47.78 -19.52
N SER C 55 26.58 -47.10 -20.54
CA SER C 55 28.01 -47.10 -20.82
C SER C 55 28.80 -46.47 -19.69
N SER C 56 28.19 -45.57 -18.93
CA SER C 56 28.89 -44.90 -17.85
C SER C 56 29.33 -45.87 -16.76
N GLU C 57 28.70 -47.02 -16.65
CA GLU C 57 29.03 -47.97 -15.60
C GLU C 57 30.42 -48.55 -15.84
N PRO C 58 31.12 -48.97 -14.78
CA PRO C 58 32.46 -49.53 -14.97
C PRO C 58 32.45 -50.93 -15.57
N GLN C 59 31.41 -51.71 -15.33
CA GLN C 59 31.33 -53.10 -15.75
C GLN C 59 30.00 -53.36 -16.45
N PRO C 60 29.94 -54.38 -17.30
CA PRO C 60 28.67 -54.72 -17.94
C PRO C 60 27.60 -55.05 -16.92
N THR C 61 26.37 -54.65 -17.22
CA THR C 61 25.24 -54.87 -16.33
C THR C 61 23.96 -54.94 -17.15
N ASN C 62 23.17 -55.98 -16.94
CA ASN C 62 21.90 -56.15 -17.65
C ASN C 62 20.80 -55.40 -16.89
N LEU C 63 20.88 -54.07 -16.96
CA LEU C 63 19.93 -53.23 -16.27
C LEU C 63 18.50 -53.55 -16.72
N THR C 64 17.59 -53.60 -15.75
CA THR C 64 16.20 -53.96 -16.01
C THR C 64 15.29 -52.77 -15.73
N LEU C 65 14.28 -52.60 -16.58
CA LEU C 65 13.39 -51.45 -16.53
C LEU C 65 11.96 -51.91 -16.27
N HIS C 66 11.32 -51.31 -15.27
CA HIS C 66 9.92 -51.52 -14.98
C HIS C 66 9.17 -50.21 -15.16
N TYR C 67 7.87 -50.30 -15.45
CA TYR C 67 7.05 -49.10 -15.63
C TYR C 67 5.62 -49.41 -15.23
N TRP C 68 4.94 -48.39 -14.73
CA TRP C 68 3.52 -48.47 -14.40
C TRP C 68 2.95 -47.07 -14.43
N TYR C 69 1.62 -47.00 -14.45
CA TYR C 69 0.90 -45.74 -14.41
C TYR C 69 0.24 -45.60 -13.05
N LYS C 70 0.53 -44.50 -12.37
CA LYS C 70 0.09 -44.30 -11.00
C LYS C 70 -1.17 -43.44 -10.95
N ASN C 71 -1.95 -43.63 -9.88
CA ASN C 71 -3.18 -42.89 -9.67
C ASN C 71 -4.13 -43.03 -10.85
N SER C 72 -4.20 -44.25 -11.40
CA SER C 72 -5.05 -44.50 -12.55
C SER C 72 -5.43 -45.98 -12.58
N ASP C 73 -6.36 -46.31 -13.47
CA ASP C 73 -6.80 -47.69 -13.62
C ASP C 73 -5.63 -48.58 -14.01
N ASN C 74 -5.63 -49.80 -13.49
CA ASN C 74 -4.55 -50.76 -13.72
C ASN C 74 -3.21 -50.19 -13.27
N ASP C 75 -3.14 -49.93 -11.96
CA ASP C 75 -1.92 -49.42 -11.33
C ASP C 75 -1.05 -50.59 -10.89
N LYS C 76 -0.59 -51.34 -11.89
CA LYS C 76 0.18 -52.56 -11.66
C LYS C 76 1.44 -52.54 -12.49
N VAL C 77 2.50 -53.15 -11.95
CA VAL C 77 3.82 -53.06 -12.55
C VAL C 77 3.88 -53.87 -13.83
N GLN C 78 4.68 -53.39 -14.78
CA GLN C 78 4.89 -54.03 -16.06
C GLN C 78 6.38 -53.99 -16.39
N LYS C 79 6.81 -54.91 -17.23
CA LYS C 79 8.22 -55.02 -17.60
C LYS C 79 8.37 -54.97 -19.11
N CYS C 80 9.50 -54.42 -19.55
CA CYS C 80 9.76 -54.29 -20.97
C CYS C 80 9.70 -55.64 -21.67
N SER C 81 9.02 -55.68 -22.81
CA SER C 81 8.97 -56.87 -23.63
C SER C 81 9.82 -56.77 -24.88
N HIS C 82 10.23 -55.56 -25.27
CA HIS C 82 11.03 -55.32 -26.47
C HIS C 82 12.23 -54.47 -26.06
N TYR C 83 13.30 -55.12 -25.61
CA TYR C 83 14.48 -54.42 -25.15
C TYR C 83 15.31 -53.93 -26.34
N LEU C 84 16.16 -52.94 -26.06
CA LEU C 84 17.10 -52.40 -27.03
C LEU C 84 18.51 -52.51 -26.47
N PHE C 85 19.45 -52.90 -27.33
CA PHE C 85 20.79 -53.27 -26.89
C PHE C 85 21.84 -52.44 -27.60
N SER C 86 22.93 -52.18 -26.89
CA SER C 86 24.11 -51.52 -27.45
C SER C 86 25.33 -52.13 -26.77
N GLU C 87 26.27 -52.61 -27.57
CA GLU C 87 27.44 -53.33 -27.07
C GLU C 87 27.03 -54.62 -26.35
N GLU C 88 25.95 -55.25 -26.82
CA GLU C 88 25.46 -56.51 -26.26
C GLU C 88 25.08 -56.36 -24.78
N ILE C 89 24.62 -55.19 -24.38
CA ILE C 89 24.08 -54.95 -23.05
C ILE C 89 22.79 -54.15 -23.19
N THR C 90 21.96 -54.21 -22.16
CA THR C 90 20.70 -53.49 -22.19
C THR C 90 20.94 -51.99 -22.14
N SER C 91 20.29 -51.27 -23.04
CA SER C 91 20.44 -49.82 -23.14
C SER C 91 19.14 -49.07 -23.37
N GLY C 92 18.06 -49.75 -23.75
CA GLY C 92 16.82 -49.05 -24.04
C GLY C 92 15.63 -49.97 -24.00
N CYS C 93 14.47 -49.41 -24.34
CA CYS C 93 13.21 -50.13 -24.32
C CYS C 93 12.28 -49.46 -25.34
N GLN C 94 11.28 -50.21 -25.77
CA GLN C 94 10.32 -49.68 -26.74
C GLN C 94 8.91 -50.11 -26.37
N LEU C 95 7.98 -49.17 -26.44
CA LEU C 95 6.57 -49.42 -26.17
C LEU C 95 5.77 -49.17 -27.45
N GLN C 96 4.84 -50.07 -27.75
CA GLN C 96 4.24 -50.17 -29.08
C GLN C 96 2.90 -49.46 -29.18
N LYS C 97 2.75 -48.32 -28.50
CA LYS C 97 1.58 -47.45 -28.67
C LYS C 97 0.34 -48.06 -28.02
N LYS C 98 0.42 -49.31 -27.58
CA LYS C 98 -0.66 -49.92 -26.82
C LYS C 98 -0.54 -49.61 -25.34
N GLU C 99 0.68 -49.46 -24.85
CA GLU C 99 0.92 -49.17 -23.44
C GLU C 99 0.98 -47.69 -23.13
N ILE C 100 0.99 -46.82 -24.13
CA ILE C 100 1.17 -45.40 -23.93
C ILE C 100 -0.17 -44.76 -23.61
N HIS C 101 -0.25 -44.08 -22.47
CA HIS C 101 -1.38 -43.25 -22.09
C HIS C 101 -0.83 -41.87 -21.79
N LEU C 102 -1.03 -40.92 -22.71
CA LEU C 102 -0.31 -39.66 -22.64
C LEU C 102 -0.63 -38.88 -21.38
N TYR C 103 -1.91 -38.84 -21.00
CA TYR C 103 -2.38 -37.95 -19.95
C TYR C 103 -2.52 -38.66 -18.61
N GLN C 104 -1.74 -39.71 -18.40
CA GLN C 104 -1.60 -40.36 -17.11
C GLN C 104 -0.12 -40.40 -16.75
N THR C 105 0.16 -40.34 -15.45
CA THR C 105 1.54 -40.27 -15.00
C THR C 105 2.26 -41.59 -15.29
N PHE C 106 3.48 -41.49 -15.81
CA PHE C 106 4.25 -42.64 -16.25
C PHE C 106 5.46 -42.75 -15.32
N VAL C 107 5.39 -43.70 -14.40
CA VAL C 107 6.49 -43.94 -13.47
C VAL C 107 7.36 -45.06 -14.04
N VAL C 108 8.63 -44.77 -14.24
CA VAL C 108 9.59 -45.71 -14.77
C VAL C 108 10.70 -45.88 -13.74
N GLN C 109 11.01 -47.12 -13.40
CA GLN C 109 11.97 -47.45 -12.36
C GLN C 109 13.10 -48.28 -12.96
N LEU C 110 14.33 -47.92 -12.61
CA LEU C 110 15.53 -48.61 -13.10
C LEU C 110 16.19 -49.33 -11.94
N GLN C 111 16.57 -50.60 -12.17
CA GLN C 111 17.04 -51.45 -11.09
C GLN C 111 18.26 -52.24 -11.56
N ASP C 112 19.15 -52.54 -10.61
CA ASP C 112 20.37 -53.28 -10.89
C ASP C 112 20.12 -54.78 -10.66
N PRO C 113 20.33 -55.63 -11.65
CA PRO C 113 20.15 -57.08 -11.40
C PRO C 113 21.08 -57.63 -10.33
N ARG C 114 22.30 -57.11 -10.24
CA ARG C 114 23.25 -57.59 -9.24
C ARG C 114 22.72 -57.33 -7.83
N GLU C 115 22.55 -56.07 -7.48
CA GLU C 115 22.02 -55.67 -6.17
C GLU C 115 20.66 -55.04 -6.37
N PRO C 116 19.57 -55.78 -6.16
CA PRO C 116 18.23 -55.20 -6.41
C PRO C 116 17.93 -53.97 -5.57
N ARG C 117 18.58 -53.81 -4.42
CA ARG C 117 18.34 -52.64 -3.59
C ARG C 117 18.69 -51.34 -4.30
N ARG C 118 19.56 -51.38 -5.30
CA ARG C 118 19.91 -50.19 -6.07
C ARG C 118 18.84 -50.00 -7.14
N GLN C 119 17.78 -49.30 -6.77
CA GLN C 119 16.68 -49.00 -7.70
C GLN C 119 16.29 -47.54 -7.57
N ALA C 120 15.74 -47.00 -8.65
CA ALA C 120 15.37 -45.58 -8.74
C ALA C 120 13.96 -45.46 -9.28
N THR C 121 13.39 -44.27 -9.10
CA THR C 121 12.05 -43.96 -9.56
C THR C 121 12.05 -42.62 -10.28
N GLN C 122 11.15 -42.48 -11.25
CA GLN C 122 10.99 -41.23 -11.99
C GLN C 122 9.55 -41.13 -12.47
N MET C 123 8.99 -39.93 -12.37
CA MET C 123 7.65 -39.63 -12.86
C MET C 123 7.75 -38.69 -14.04
N LEU C 124 7.12 -39.05 -15.15
CA LEU C 124 7.20 -38.29 -16.39
C LEU C 124 5.80 -38.05 -16.93
N LYS C 125 5.55 -36.81 -17.37
CA LYS C 125 4.33 -36.46 -18.07
C LYS C 125 4.57 -36.66 -19.56
N LEU C 126 3.96 -37.72 -20.12
CA LEU C 126 4.26 -38.12 -21.49
C LEU C 126 3.71 -37.14 -22.51
N GLN C 127 2.68 -36.37 -22.18
CA GLN C 127 2.17 -35.38 -23.12
C GLN C 127 3.13 -34.21 -23.30
N ASN C 128 4.15 -34.10 -22.46
CA ASN C 128 5.20 -33.10 -22.61
C ASN C 128 6.45 -33.67 -23.26
N LEU C 129 6.38 -34.91 -23.75
CA LEU C 129 7.51 -35.58 -24.37
C LEU C 129 7.20 -36.08 -25.78
N VAL C 130 6.19 -35.52 -26.43
CA VAL C 130 5.79 -35.94 -27.76
C VAL C 130 6.57 -35.12 -28.78
N ILE C 131 7.14 -35.80 -29.77
CA ILE C 131 7.92 -35.18 -30.83
C ILE C 131 7.35 -35.61 -32.17
N PRO C 132 6.69 -34.72 -32.92
CA PRO C 132 6.04 -35.16 -34.17
C PRO C 132 7.05 -35.54 -35.24
N TRP C 133 6.55 -35.96 -36.39
CA TRP C 133 7.39 -36.10 -37.57
C TRP C 133 7.45 -34.78 -38.33
N ALA C 134 8.51 -34.60 -39.09
CA ALA C 134 8.68 -33.37 -39.83
C ALA C 134 7.57 -33.19 -40.86
N PRO C 135 7.17 -31.97 -41.16
CA PRO C 135 6.13 -31.75 -42.17
C PRO C 135 6.58 -32.24 -43.54
N GLU C 136 5.60 -32.61 -44.36
CA GLU C 136 5.86 -33.28 -45.63
C GLU C 136 5.27 -32.50 -46.79
N ASN C 137 5.89 -32.69 -47.96
CA ASN C 137 5.47 -32.13 -49.24
C ASN C 137 4.94 -30.70 -49.13
N LEU C 138 5.81 -29.76 -48.79
CA LEU C 138 5.47 -28.35 -48.88
C LEU C 138 5.19 -27.96 -50.33
N THR C 139 4.31 -26.98 -50.51
CA THR C 139 3.94 -26.52 -51.84
C THR C 139 3.65 -25.03 -51.81
N LEU C 140 4.17 -24.32 -52.81
CA LEU C 140 3.99 -22.87 -52.94
C LEU C 140 3.10 -22.57 -54.14
N HIS C 141 2.03 -21.82 -53.91
CA HIS C 141 1.16 -21.34 -54.98
C HIS C 141 0.93 -19.85 -54.80
N LYS C 142 0.78 -19.15 -55.92
CA LYS C 142 0.71 -17.69 -55.92
C LYS C 142 -0.74 -17.24 -55.76
N LEU C 143 -1.00 -16.48 -54.69
CA LEU C 143 -2.29 -15.82 -54.55
C LEU C 143 -2.40 -14.61 -55.48
N SER C 144 -1.26 -14.00 -55.81
CA SER C 144 -1.22 -12.83 -56.67
C SER C 144 0.13 -12.84 -57.39
N GLU C 145 0.37 -11.82 -58.22
CA GLU C 145 1.63 -11.75 -58.92
C GLU C 145 2.81 -11.69 -57.96
N SER C 146 2.65 -10.95 -56.85
CA SER C 146 3.73 -10.75 -55.89
C SER C 146 3.40 -11.31 -54.52
N GLN C 147 2.45 -12.25 -54.43
CA GLN C 147 2.09 -12.88 -53.18
C GLN C 147 2.22 -14.40 -53.31
N LEU C 148 2.74 -15.03 -52.26
CA LEU C 148 2.86 -16.47 -52.17
C LEU C 148 2.02 -16.99 -51.02
N GLU C 149 1.88 -18.31 -50.97
CA GLU C 149 1.24 -18.99 -49.86
C GLU C 149 1.86 -20.38 -49.74
N LEU C 150 2.24 -20.76 -48.53
CA LEU C 150 2.93 -22.01 -48.27
C LEU C 150 1.99 -22.94 -47.53
N ASN C 151 1.89 -24.17 -48.02
CA ASN C 151 1.06 -25.19 -47.41
C ASN C 151 1.89 -26.42 -47.12
N TRP C 152 1.50 -27.16 -46.09
CA TRP C 152 2.20 -28.37 -45.70
C TRP C 152 1.25 -29.26 -44.93
N ASN C 153 1.61 -30.53 -44.83
CA ASN C 153 0.79 -31.54 -44.18
C ASN C 153 1.55 -32.16 -43.01
N ASN C 154 0.78 -32.56 -42.00
CA ASN C 154 1.29 -33.32 -40.86
C ASN C 154 0.56 -34.65 -40.82
N ARG C 155 1.26 -35.68 -40.37
CA ARG C 155 0.77 -37.04 -40.58
C ARG C 155 -0.51 -37.30 -39.78
N PHE C 156 -0.51 -37.01 -38.47
CA PHE C 156 -1.61 -37.48 -37.64
C PHE C 156 -2.07 -36.50 -36.56
N LEU C 157 -1.55 -35.28 -36.50
CA LEU C 157 -1.75 -34.41 -35.35
C LEU C 157 -2.13 -33.00 -35.79
N ASN C 158 -3.18 -32.88 -36.61
CA ASN C 158 -3.53 -31.61 -37.23
C ASN C 158 -3.79 -30.49 -36.24
N HIS C 159 -4.81 -30.63 -35.39
CA HIS C 159 -5.19 -29.57 -34.46
C HIS C 159 -4.22 -29.43 -33.30
N CYS C 160 -3.34 -30.40 -33.09
CA CYS C 160 -2.51 -30.46 -31.89
C CYS C 160 -1.12 -29.86 -32.10
N LEU C 161 -0.82 -29.33 -33.28
CA LEU C 161 0.52 -28.89 -33.61
C LEU C 161 0.56 -27.38 -33.80
N GLU C 162 1.61 -26.76 -33.26
CA GLU C 162 2.03 -25.43 -33.65
C GLU C 162 3.28 -25.56 -34.50
N HIS C 163 3.52 -24.57 -35.35
CA HIS C 163 4.58 -24.64 -36.33
C HIS C 163 5.48 -23.42 -36.25
N LEU C 164 6.65 -23.55 -36.85
CA LEU C 164 7.63 -22.47 -36.95
C LEU C 164 8.16 -22.46 -38.37
N VAL C 165 7.68 -21.54 -39.18
CA VAL C 165 8.18 -21.39 -40.54
C VAL C 165 9.46 -20.59 -40.47
N GLN C 166 10.41 -20.93 -41.34
CA GLN C 166 11.72 -20.29 -41.35
C GLN C 166 12.17 -20.14 -42.80
N TYR C 167 11.97 -18.95 -43.36
CA TYR C 167 12.28 -18.70 -44.76
C TYR C 167 13.45 -17.74 -44.89
N ARG C 168 14.05 -17.73 -46.08
CA ARG C 168 15.31 -17.04 -46.29
C ARG C 168 15.49 -16.79 -47.78
N THR C 169 16.37 -15.86 -48.11
CA THR C 169 16.78 -15.63 -49.49
C THR C 169 18.30 -15.66 -49.56
N ASP C 170 18.81 -15.96 -50.75
CA ASP C 170 20.25 -16.15 -50.90
C ASP C 170 21.03 -14.90 -50.54
N TRP C 171 20.42 -13.72 -50.68
CA TRP C 171 21.10 -12.47 -50.34
C TRP C 171 21.15 -12.23 -48.84
N ASP C 172 20.26 -12.86 -48.07
CA ASP C 172 20.23 -12.67 -46.63
C ASP C 172 21.22 -13.60 -45.94
N HIS C 173 21.76 -13.12 -44.82
CA HIS C 173 22.77 -13.85 -44.06
C HIS C 173 22.19 -14.67 -42.92
N SER C 174 20.87 -14.65 -42.72
CA SER C 174 20.25 -15.38 -41.62
C SER C 174 18.81 -15.69 -41.99
N TRP C 175 18.22 -16.61 -41.25
CA TRP C 175 16.85 -17.01 -41.49
C TRP C 175 15.87 -16.06 -40.82
N THR C 176 14.67 -15.99 -41.38
CA THR C 176 13.57 -15.22 -40.82
C THR C 176 12.52 -16.18 -40.30
N GLU C 177 12.19 -16.08 -39.02
CA GLU C 177 11.28 -17.00 -38.35
C GLU C 177 9.93 -16.34 -38.14
N GLN C 178 8.89 -17.17 -38.11
CA GLN C 178 7.54 -16.70 -37.85
C GLN C 178 6.72 -17.84 -37.29
N SER C 179 6.30 -17.69 -36.03
CA SER C 179 5.44 -18.69 -35.41
C SER C 179 4.11 -18.76 -36.14
N VAL C 180 3.58 -19.97 -36.26
CA VAL C 180 2.36 -20.21 -37.03
C VAL C 180 1.37 -20.98 -36.18
N ASP C 181 0.09 -20.76 -36.47
CA ASP C 181 -1.02 -21.38 -35.75
C ASP C 181 -1.17 -22.82 -36.21
N TYR C 182 -2.32 -23.42 -35.94
CA TYR C 182 -2.65 -24.73 -36.49
C TYR C 182 -3.24 -24.65 -37.90
N ARG C 183 -3.36 -23.45 -38.47
CA ARG C 183 -3.85 -23.33 -39.83
C ARG C 183 -2.88 -23.91 -40.86
N HIS C 184 -1.65 -24.19 -40.46
CA HIS C 184 -0.58 -24.68 -41.34
C HIS C 184 -0.69 -24.06 -42.72
N LYS C 185 -0.81 -22.73 -42.74
CA LYS C 185 -0.65 -21.92 -43.94
C LYS C 185 0.20 -20.71 -43.58
N PHE C 186 0.88 -20.16 -44.57
CA PHE C 186 1.77 -19.04 -44.33
C PHE C 186 1.78 -18.11 -45.53
N SER C 187 1.38 -16.87 -45.33
CA SER C 187 1.31 -15.87 -46.39
C SER C 187 2.57 -15.01 -46.37
N LEU C 188 3.18 -14.85 -47.52
CA LEU C 188 4.40 -14.04 -47.68
C LEU C 188 4.17 -13.03 -48.79
N PRO C 189 3.44 -11.95 -48.50
CA PRO C 189 3.21 -10.93 -49.52
C PRO C 189 4.49 -10.18 -49.85
N SER C 190 4.51 -9.62 -51.06
CA SER C 190 5.65 -8.84 -51.55
C SER C 190 6.92 -9.70 -51.61
N VAL C 191 6.88 -10.68 -52.50
CA VAL C 191 8.07 -11.44 -52.87
C VAL C 191 8.74 -10.77 -54.06
N ASP C 192 10.06 -10.60 -53.96
CA ASP C 192 10.84 -10.02 -55.05
C ASP C 192 11.10 -11.08 -56.10
N GLY C 193 10.54 -10.90 -57.30
CA GLY C 193 10.73 -11.89 -58.35
C GLY C 193 12.18 -12.07 -58.75
N GLN C 194 13.04 -11.09 -58.47
CA GLN C 194 14.44 -11.17 -58.86
C GLN C 194 15.24 -12.13 -57.98
N LYS C 195 14.83 -12.31 -56.72
CA LYS C 195 15.58 -13.08 -55.76
C LYS C 195 15.11 -14.53 -55.71
N ARG C 196 15.79 -15.32 -54.89
CA ARG C 196 15.46 -16.73 -54.67
C ARG C 196 15.04 -16.92 -53.21
N TYR C 197 14.04 -17.76 -53.00
CA TYR C 197 13.47 -17.96 -51.67
C TYR C 197 13.61 -19.42 -51.26
N THR C 198 13.66 -19.65 -49.95
CA THR C 198 13.76 -20.98 -49.37
C THR C 198 12.88 -21.02 -48.13
N PHE C 199 12.14 -22.11 -47.96
CA PHE C 199 11.23 -22.28 -46.84
C PHE C 199 11.43 -23.65 -46.23
N ARG C 200 11.23 -23.73 -44.91
CA ARG C 200 11.19 -25.01 -44.22
C ARG C 200 10.38 -24.84 -42.94
N VAL C 201 9.77 -25.92 -42.48
CA VAL C 201 8.82 -25.88 -41.39
C VAL C 201 9.09 -27.05 -40.45
N ARG C 202 8.92 -26.79 -39.15
CA ARG C 202 8.92 -27.84 -38.14
C ARG C 202 7.76 -27.57 -37.19
N SER C 203 7.27 -28.62 -36.56
CA SER C 203 6.08 -28.55 -35.73
C SER C 203 6.43 -28.89 -34.29
N ARG C 204 5.43 -28.75 -33.42
CA ARG C 204 5.61 -29.02 -32.01
C ARG C 204 4.25 -29.40 -31.41
N PHE C 205 4.28 -30.31 -30.45
CA PHE C 205 3.06 -30.77 -29.78
C PHE C 205 2.75 -29.81 -28.62
N ASN C 206 2.35 -28.60 -29.00
CA ASN C 206 2.15 -27.51 -28.05
C ASN C 206 1.28 -26.45 -28.70
N PRO C 207 0.40 -25.77 -27.94
CA PRO C 207 0.08 -25.91 -26.52
C PRO C 207 -1.28 -26.54 -26.22
N LEU C 208 -2.11 -26.81 -27.23
CA LEU C 208 -3.48 -27.23 -26.94
C LEU C 208 -3.56 -28.68 -26.50
N CYS C 209 -2.76 -29.57 -27.09
CA CYS C 209 -2.81 -30.99 -26.77
C CYS C 209 -1.66 -31.44 -25.88
N GLY C 210 -0.64 -30.62 -25.73
CA GLY C 210 0.46 -30.95 -24.84
C GLY C 210 1.28 -29.72 -24.56
N SER C 211 2.31 -29.90 -23.76
CA SER C 211 3.24 -28.83 -23.42
C SER C 211 4.67 -29.19 -23.80
N ALA C 212 4.84 -29.98 -24.85
CA ALA C 212 6.17 -30.39 -25.27
C ALA C 212 7.00 -29.18 -25.64
N GLN C 213 8.30 -29.25 -25.33
CA GLN C 213 9.23 -28.17 -25.65
C GLN C 213 10.24 -28.57 -26.72
N HIS C 214 10.07 -29.74 -27.33
CA HIS C 214 10.99 -30.23 -28.35
C HIS C 214 10.36 -30.08 -29.73
N TRP C 215 11.13 -29.55 -30.67
CA TRP C 215 10.69 -29.38 -32.05
C TRP C 215 11.02 -30.62 -32.86
N SER C 216 10.14 -30.94 -33.80
CA SER C 216 10.43 -31.99 -34.75
C SER C 216 11.64 -31.59 -35.60
N GLU C 217 12.07 -32.50 -36.45
CA GLU C 217 13.14 -32.18 -37.37
C GLU C 217 12.63 -31.27 -38.48
N TRP C 218 13.55 -30.51 -39.07
CA TRP C 218 13.18 -29.63 -40.16
C TRP C 218 12.73 -30.44 -41.37
N SER C 219 11.76 -29.91 -42.09
CA SER C 219 11.28 -30.55 -43.31
C SER C 219 12.31 -30.37 -44.42
N HIS C 220 11.99 -30.88 -45.60
CA HIS C 220 12.85 -30.69 -46.76
C HIS C 220 12.69 -29.26 -47.28
N PRO C 221 13.78 -28.52 -47.47
CA PRO C 221 13.64 -27.15 -47.96
C PRO C 221 13.00 -27.10 -49.35
N ILE C 222 12.23 -26.05 -49.59
CA ILE C 222 11.54 -25.83 -50.85
C ILE C 222 11.94 -24.47 -51.38
N HIS C 223 12.30 -24.41 -52.67
CA HIS C 223 12.83 -23.21 -53.29
C HIS C 223 11.81 -22.59 -54.23
N TRP C 224 12.01 -21.30 -54.51
CA TRP C 224 11.14 -20.58 -55.42
C TRP C 224 11.93 -19.43 -56.03
N GLY C 225 11.44 -18.94 -57.17
CA GLY C 225 12.04 -17.79 -57.81
C GLY C 225 13.22 -18.15 -58.68
N SER C 226 14.04 -17.13 -58.96
CA SER C 226 15.20 -17.28 -59.83
C SER C 226 16.19 -18.28 -59.24
N ALA D 1 -14.75 -37.58 -41.59
CA ALA D 1 -15.35 -36.28 -42.06
C ALA D 1 -15.33 -35.26 -40.93
N PRO D 2 -15.27 -33.97 -41.29
CA PRO D 2 -15.28 -32.93 -40.25
C PRO D 2 -16.54 -32.99 -39.41
N THR D 3 -16.38 -32.73 -38.11
CA THR D 3 -17.50 -32.78 -37.20
C THR D 3 -18.35 -31.51 -37.31
N SER D 4 -19.49 -31.51 -36.62
CA SER D 4 -20.40 -30.38 -36.65
C SER D 4 -19.87 -29.25 -35.78
N SER D 5 -20.51 -28.08 -35.92
CA SER D 5 -20.18 -26.96 -35.04
C SER D 5 -20.37 -27.33 -33.58
N SER D 6 -21.24 -28.30 -33.31
CA SER D 6 -21.31 -28.89 -31.99
C SER D 6 -20.02 -29.64 -31.70
N THR D 7 -19.54 -29.50 -30.47
CA THR D 7 -18.26 -30.02 -30.02
C THR D 7 -17.11 -29.19 -30.56
N LYS D 8 -17.36 -28.36 -31.58
CA LYS D 8 -16.38 -27.33 -31.92
C LYS D 8 -16.55 -26.13 -31.00
N LYS D 9 -17.81 -25.80 -30.67
CA LYS D 9 -18.07 -24.91 -29.56
C LYS D 9 -17.38 -25.39 -28.30
N THR D 10 -17.46 -26.70 -28.02
CA THR D 10 -16.84 -27.25 -26.83
C THR D 10 -15.31 -27.15 -26.89
N GLN D 11 -14.72 -27.46 -28.04
CA GLN D 11 -13.28 -27.34 -28.15
C GLN D 11 -12.83 -25.89 -27.98
N LEU D 12 -13.61 -24.94 -28.49
CA LEU D 12 -13.27 -23.53 -28.31
C LEU D 12 -13.36 -23.13 -26.84
N GLN D 13 -14.41 -23.56 -26.15
CA GLN D 13 -14.53 -23.26 -24.73
C GLN D 13 -13.39 -23.85 -23.93
N LEU D 14 -13.00 -25.09 -24.24
CA LEU D 14 -11.88 -25.71 -23.56
C LEU D 14 -10.58 -24.97 -23.85
N GLU D 15 -10.43 -24.48 -25.09
CA GLU D 15 -9.23 -23.71 -25.42
C GLU D 15 -9.16 -22.42 -24.61
N HIS D 16 -10.30 -21.73 -24.47
CA HIS D 16 -10.31 -20.50 -23.69
C HIS D 16 -10.01 -20.78 -22.21
N LEU D 17 -10.61 -21.84 -21.67
CA LEU D 17 -10.31 -22.23 -20.29
C LEU D 17 -8.84 -22.56 -20.10
N LEU D 18 -8.27 -23.30 -21.05
CA LEU D 18 -6.85 -23.66 -20.98
C LEU D 18 -5.97 -22.43 -21.03
N LEU D 19 -6.29 -21.48 -21.90
CA LEU D 19 -5.51 -20.26 -21.98
C LEU D 19 -5.60 -19.46 -20.69
N ASP D 20 -6.79 -19.42 -20.08
CA ASP D 20 -6.95 -18.75 -18.79
C ASP D 20 -6.06 -19.37 -17.74
N LEU D 21 -6.15 -20.69 -17.58
CA LEU D 21 -5.36 -21.37 -16.54
C LEU D 21 -3.87 -21.21 -16.81
N GLN D 22 -3.46 -21.29 -18.07
CA GLN D 22 -2.05 -21.14 -18.39
C GLN D 22 -1.56 -19.73 -18.14
N MET D 23 -2.43 -18.73 -18.36
CA MET D 23 -2.06 -17.36 -18.00
C MET D 23 -1.81 -17.26 -16.50
N ILE D 24 -2.70 -17.84 -15.70
CA ILE D 24 -2.49 -17.83 -14.25
C ILE D 24 -1.17 -18.50 -13.90
N LEU D 25 -0.90 -19.66 -14.51
CA LEU D 25 0.29 -20.42 -14.20
C LEU D 25 1.55 -19.66 -14.57
N ASN D 26 1.58 -19.04 -15.75
CA ASN D 26 2.74 -18.27 -16.15
C ASN D 26 2.89 -17.00 -15.32
N GLY D 27 1.80 -16.49 -14.78
CA GLY D 27 1.89 -15.36 -13.88
C GLY D 27 2.54 -15.73 -12.56
N ILE D 28 1.97 -16.70 -11.86
CA ILE D 28 2.47 -17.05 -10.54
C ILE D 28 3.88 -17.62 -10.62
N ASN D 29 4.12 -18.52 -11.57
CA ASN D 29 5.38 -19.25 -11.63
C ASN D 29 6.54 -18.40 -12.12
N ASN D 30 6.34 -17.13 -12.40
CA ASN D 30 7.43 -16.29 -12.88
C ASN D 30 8.51 -16.15 -11.82
N TYR D 31 9.77 -16.18 -12.27
CA TYR D 31 10.90 -16.06 -11.35
C TYR D 31 11.02 -14.66 -10.75
N LYS D 32 10.27 -13.69 -11.25
CA LYS D 32 10.26 -12.35 -10.68
C LYS D 32 9.21 -12.18 -9.59
N ASN D 33 8.53 -13.25 -9.20
CA ASN D 33 7.49 -13.18 -8.18
C ASN D 33 8.10 -13.49 -6.81
N PRO D 34 8.39 -12.48 -5.99
CA PRO D 34 9.05 -12.76 -4.69
C PRO D 34 8.17 -13.53 -3.72
N LYS D 35 6.86 -13.54 -3.91
CA LYS D 35 5.95 -14.15 -2.95
C LYS D 35 5.64 -15.60 -3.28
N LEU D 36 6.30 -16.18 -4.29
CA LEU D 36 5.99 -17.55 -4.71
C LEU D 36 6.21 -18.54 -3.58
N THR D 37 7.31 -18.38 -2.83
CA THR D 37 7.60 -19.30 -1.74
C THR D 37 6.46 -19.33 -0.74
N ARG D 38 5.82 -18.19 -0.50
CA ARG D 38 4.68 -18.15 0.42
C ARG D 38 3.43 -18.72 -0.21
N MET D 39 3.25 -18.58 -1.52
CA MET D 39 2.11 -19.20 -2.18
C MET D 39 2.20 -20.71 -2.08
N LEU D 40 3.40 -21.26 -2.21
CA LEU D 40 3.56 -22.71 -2.24
C LEU D 40 3.25 -23.39 -0.90
N THR D 41 2.86 -22.64 0.13
CA THR D 41 2.60 -23.23 1.44
C THR D 41 1.12 -23.55 1.66
N PHE D 42 0.24 -23.15 0.75
CA PHE D 42 -1.18 -23.46 0.86
C PHE D 42 -1.50 -24.78 0.18
N LYS D 43 -2.63 -25.37 0.56
CA LYS D 43 -2.98 -26.72 0.19
C LYS D 43 -4.21 -26.72 -0.71
N PHE D 44 -4.12 -27.48 -1.81
CA PHE D 44 -5.19 -27.60 -2.79
C PHE D 44 -5.56 -29.07 -2.93
N TYR D 45 -6.85 -29.34 -3.11
CA TYR D 45 -7.37 -30.70 -3.12
C TYR D 45 -7.58 -31.14 -4.56
N MET D 46 -6.76 -32.08 -5.01
CA MET D 46 -6.81 -32.58 -6.37
C MET D 46 -7.99 -33.52 -6.57
N PRO D 47 -8.42 -33.72 -7.81
CA PRO D 47 -9.50 -34.67 -8.08
C PRO D 47 -9.01 -36.10 -8.09
N LYS D 48 -9.82 -37.00 -7.53
CA LYS D 48 -9.46 -38.42 -7.51
C LYS D 48 -9.16 -38.90 -8.92
N LYS D 49 -10.07 -38.66 -9.85
CA LYS D 49 -9.85 -38.93 -11.26
C LYS D 49 -10.53 -37.84 -12.07
N ALA D 50 -9.88 -37.43 -13.16
CA ALA D 50 -10.37 -36.35 -14.02
C ALA D 50 -10.09 -36.73 -15.47
N THR D 51 -11.05 -37.39 -16.11
CA THR D 51 -10.95 -37.78 -17.51
C THR D 51 -12.21 -37.46 -18.29
N GLU D 52 -13.03 -36.53 -17.80
CA GLU D 52 -14.35 -36.32 -18.36
C GLU D 52 -14.79 -34.90 -18.04
N LEU D 53 -15.74 -34.39 -18.82
CA LEU D 53 -16.24 -33.04 -18.58
C LEU D 53 -17.04 -32.95 -17.28
N LYS D 54 -17.54 -34.07 -16.77
CA LYS D 54 -18.20 -34.05 -15.47
C LYS D 54 -17.26 -33.58 -14.39
N HIS D 55 -16.01 -34.00 -14.46
CA HIS D 55 -15.03 -33.82 -13.39
C HIS D 55 -14.52 -32.40 -13.26
N LEU D 56 -15.14 -31.43 -13.93
CA LEU D 56 -14.80 -30.03 -13.70
C LEU D 56 -15.45 -29.48 -12.44
N GLN D 57 -16.31 -30.27 -11.79
CA GLN D 57 -16.89 -29.85 -10.52
C GLN D 57 -15.80 -29.60 -9.49
N CYS D 58 -14.73 -30.41 -9.52
CA CYS D 58 -13.65 -30.22 -8.56
C CYS D 58 -12.95 -28.89 -8.77
N LEU D 59 -12.67 -28.53 -10.02
CA LEU D 59 -12.08 -27.22 -10.29
C LEU D 59 -13.02 -26.10 -9.87
N GLU D 60 -14.31 -26.26 -10.14
CA GLU D 60 -15.26 -25.24 -9.73
C GLU D 60 -15.24 -25.05 -8.22
N GLU D 61 -15.16 -26.14 -7.47
CA GLU D 61 -15.08 -26.03 -6.01
C GLU D 61 -13.79 -25.36 -5.57
N GLU D 62 -12.69 -25.64 -6.26
CA GLU D 62 -11.40 -25.09 -5.85
C GLU D 62 -11.15 -23.69 -6.39
N LEU D 63 -12.08 -23.11 -7.14
CA LEU D 63 -11.86 -21.79 -7.72
C LEU D 63 -11.64 -20.72 -6.65
N LYS D 64 -12.43 -20.72 -5.58
CA LYS D 64 -12.33 -19.65 -4.59
C LYS D 64 -10.96 -19.61 -3.91
N PRO D 65 -10.40 -20.72 -3.42
CA PRO D 65 -9.00 -20.70 -2.98
C PRO D 65 -8.06 -20.15 -4.03
N LEU D 66 -8.33 -20.39 -5.30
CA LEU D 66 -7.47 -19.86 -6.35
C LEU D 66 -7.46 -18.34 -6.31
N GLU D 67 -8.63 -17.71 -6.22
CA GLU D 67 -8.68 -16.25 -6.16
C GLU D 67 -8.00 -15.74 -4.91
N GLU D 68 -8.20 -16.43 -3.78
CA GLU D 68 -7.56 -15.98 -2.55
C GLU D 68 -6.04 -16.00 -2.68
N VAL D 69 -5.49 -17.06 -3.25
CA VAL D 69 -4.03 -17.12 -3.44
C VAL D 69 -3.58 -16.07 -4.44
N LEU D 70 -4.37 -15.82 -5.48
CA LEU D 70 -4.01 -14.79 -6.44
C LEU D 70 -3.93 -13.42 -5.77
N ASN D 71 -4.81 -13.16 -4.80
CA ASN D 71 -4.79 -11.89 -4.11
C ASN D 71 -3.43 -11.59 -3.49
N LEU D 72 -2.72 -12.62 -3.05
CA LEU D 72 -1.39 -12.39 -2.47
C LEU D 72 -0.43 -11.82 -3.50
N ALA D 73 -0.45 -12.36 -4.72
CA ALA D 73 0.49 -11.92 -5.74
C ALA D 73 0.28 -10.48 -6.17
N GLN D 74 -0.86 -9.88 -5.82
CA GLN D 74 -1.14 -8.51 -6.23
C GLN D 74 -0.01 -7.58 -5.81
N SER D 75 0.68 -7.01 -6.78
CA SER D 75 1.82 -6.14 -6.52
C SER D 75 2.08 -5.30 -7.76
N LYS D 76 2.96 -4.31 -7.60
CA LYS D 76 3.29 -3.43 -8.71
C LYS D 76 3.90 -4.23 -9.86
N ASN D 77 3.60 -3.79 -11.09
CA ASN D 77 4.09 -4.46 -12.29
C ASN D 77 3.58 -5.89 -12.41
N PHE D 78 2.39 -6.15 -11.88
CA PHE D 78 1.71 -7.43 -12.01
C PHE D 78 0.46 -7.23 -12.86
N HIS D 79 0.28 -8.08 -13.87
CA HIS D 79 -0.78 -7.86 -14.84
C HIS D 79 -2.09 -8.55 -14.47
N LEU D 80 -2.03 -9.61 -13.67
CA LEU D 80 -3.22 -10.39 -13.37
C LEU D 80 -4.24 -9.57 -12.59
N ARG D 81 -5.50 -9.71 -12.96
CA ARG D 81 -6.64 -9.13 -12.23
C ARG D 81 -7.49 -10.27 -11.71
N PRO D 82 -7.28 -10.70 -10.46
CA PRO D 82 -7.87 -11.98 -10.04
C PRO D 82 -9.40 -12.05 -10.15
N ARG D 83 -10.10 -10.95 -9.86
CA ARG D 83 -11.56 -11.02 -9.84
C ARG D 83 -12.12 -11.35 -11.22
N ASP D 84 -11.72 -10.58 -12.23
CA ASP D 84 -12.23 -10.80 -13.57
C ASP D 84 -11.77 -12.15 -14.11
N LEU D 85 -10.51 -12.49 -13.87
CA LEU D 85 -9.97 -13.77 -14.32
C LEU D 85 -10.80 -14.93 -13.76
N ILE D 86 -11.05 -14.91 -12.46
CA ILE D 86 -11.74 -16.02 -11.83
C ILE D 86 -13.21 -16.03 -12.24
N SER D 87 -13.83 -14.87 -12.44
CA SER D 87 -15.21 -14.86 -12.91
C SER D 87 -15.33 -15.46 -14.31
N ASN D 88 -14.39 -15.11 -15.19
CA ASN D 88 -14.37 -15.68 -16.53
C ASN D 88 -14.19 -17.18 -16.47
N ILE D 89 -13.23 -17.65 -15.67
CA ILE D 89 -13.00 -19.08 -15.54
C ILE D 89 -14.24 -19.77 -14.98
N ASN D 90 -14.89 -19.14 -14.02
CA ASN D 90 -16.08 -19.75 -13.43
C ASN D 90 -17.18 -19.93 -14.46
N VAL D 91 -17.44 -18.90 -15.26
CA VAL D 91 -18.51 -19.00 -16.25
C VAL D 91 -18.15 -20.06 -17.30
N ILE D 92 -16.90 -20.06 -17.76
CA ILE D 92 -16.49 -21.05 -18.77
C ILE D 92 -16.65 -22.46 -18.23
N VAL D 93 -16.20 -22.68 -16.99
CA VAL D 93 -16.25 -24.02 -16.40
C VAL D 93 -17.70 -24.45 -16.21
N LEU D 94 -18.55 -23.54 -15.73
CA LEU D 94 -19.95 -23.90 -15.55
C LEU D 94 -20.62 -24.22 -16.87
N GLU D 95 -20.19 -23.58 -17.96
CA GLU D 95 -20.73 -23.91 -19.27
C GLU D 95 -20.26 -25.28 -19.74
N LEU D 96 -18.96 -25.55 -19.61
CA LEU D 96 -18.42 -26.85 -20.04
C LEU D 96 -19.01 -27.99 -19.23
N LYS D 97 -19.20 -27.78 -17.94
CA LYS D 97 -19.66 -28.85 -17.06
C LYS D 97 -21.03 -29.36 -17.46
N GLY D 98 -21.95 -28.45 -17.79
CA GLY D 98 -23.29 -28.83 -18.16
C GLY D 98 -24.23 -28.87 -16.97
N SER D 99 -25.31 -28.11 -17.03
CA SER D 99 -26.27 -28.07 -15.93
C SER D 99 -27.12 -29.32 -15.82
N GLU D 100 -27.04 -30.22 -16.81
CA GLU D 100 -27.85 -31.44 -16.79
C GLU D 100 -27.25 -32.53 -15.91
N THR D 101 -26.03 -32.35 -15.41
CA THR D 101 -25.37 -33.37 -14.61
C THR D 101 -25.66 -33.19 -13.13
N THR D 102 -25.45 -34.26 -12.37
CA THR D 102 -25.60 -34.25 -10.93
C THR D 102 -24.44 -35.02 -10.30
N PHE D 103 -23.23 -34.76 -10.78
CA PHE D 103 -22.05 -35.49 -10.38
C PHE D 103 -21.52 -34.97 -9.04
N MET D 104 -20.92 -35.87 -8.27
CA MET D 104 -20.32 -35.54 -6.98
C MET D 104 -18.82 -35.76 -7.06
N CYS D 105 -18.05 -34.71 -6.78
CA CYS D 105 -16.60 -34.76 -6.96
C CYS D 105 -15.95 -35.50 -5.80
N GLU D 106 -15.05 -36.42 -6.12
CA GLU D 106 -14.20 -37.09 -5.16
C GLU D 106 -12.80 -36.51 -5.23
N TYR D 107 -12.12 -36.46 -4.10
CA TYR D 107 -10.81 -35.85 -4.00
C TYR D 107 -9.77 -36.86 -3.56
N ALA D 108 -8.54 -36.67 -4.04
CA ALA D 108 -7.43 -37.51 -3.63
C ALA D 108 -7.05 -37.23 -2.19
N ASP D 109 -6.42 -38.21 -1.56
CA ASP D 109 -6.00 -38.04 -0.17
C ASP D 109 -4.96 -36.93 -0.03
N GLU D 110 -4.02 -36.86 -0.96
CA GLU D 110 -2.94 -35.89 -0.86
C GLU D 110 -3.38 -34.54 -1.41
N THR D 111 -2.95 -33.47 -0.73
CA THR D 111 -3.11 -32.12 -1.25
C THR D 111 -1.91 -31.79 -2.13
N ALA D 112 -1.92 -30.59 -2.72
CA ALA D 112 -0.84 -30.20 -3.61
C ALA D 112 -0.72 -28.69 -3.64
N THR D 113 0.44 -28.22 -4.06
CA THR D 113 0.66 -26.78 -4.18
C THR D 113 -0.15 -26.23 -5.35
N ILE D 114 -0.22 -24.91 -5.43
CA ILE D 114 -0.99 -24.28 -6.49
C ILE D 114 -0.44 -24.66 -7.86
N VAL D 115 0.88 -24.81 -7.96
CA VAL D 115 1.49 -25.13 -9.24
C VAL D 115 1.03 -26.49 -9.73
N GLU D 116 1.06 -27.49 -8.85
CA GLU D 116 0.65 -28.83 -9.25
C GLU D 116 -0.83 -28.88 -9.57
N PHE D 117 -1.64 -28.14 -8.81
CA PHE D 117 -3.07 -28.08 -9.06
C PHE D 117 -3.37 -27.49 -10.44
N LEU D 118 -2.71 -26.37 -10.77
CA LEU D 118 -2.90 -25.76 -12.07
C LEU D 118 -2.42 -26.68 -13.17
N ASN D 119 -1.28 -27.35 -12.98
CA ASN D 119 -0.79 -28.27 -14.01
C ASN D 119 -1.72 -29.44 -14.21
N ARG D 120 -2.30 -29.97 -13.12
CA ARG D 120 -3.26 -31.06 -13.24
C ARG D 120 -4.44 -30.64 -14.10
N TRP D 121 -4.98 -29.45 -13.85
CA TRP D 121 -6.15 -29.05 -14.62
C TRP D 121 -5.79 -28.68 -16.05
N ILE D 122 -4.57 -28.17 -16.28
CA ILE D 122 -4.10 -27.94 -17.64
C ILE D 122 -4.02 -29.26 -18.39
N THR D 123 -3.48 -30.30 -17.76
CA THR D 123 -3.40 -31.61 -18.39
C THR D 123 -4.79 -32.16 -18.69
N PHE D 124 -5.74 -31.95 -17.79
CA PHE D 124 -7.11 -32.38 -18.05
C PHE D 124 -7.68 -31.69 -19.28
N CYS D 125 -7.52 -30.37 -19.36
CA CYS D 125 -8.02 -29.65 -20.52
C CYS D 125 -7.38 -30.17 -21.81
N GLN D 126 -6.06 -30.39 -21.78
CA GLN D 126 -5.36 -30.87 -22.97
C GLN D 126 -5.85 -32.25 -23.38
N SER D 127 -6.06 -33.14 -22.41
CA SER D 127 -6.53 -34.48 -22.74
C SER D 127 -7.89 -34.44 -23.40
N ILE D 128 -8.81 -33.63 -22.85
CA ILE D 128 -10.14 -33.55 -23.46
C ILE D 128 -10.04 -32.96 -24.86
N ILE D 129 -9.22 -31.92 -25.04
CA ILE D 129 -9.10 -31.30 -26.36
C ILE D 129 -8.57 -32.32 -27.36
N SER D 130 -7.54 -33.07 -26.97
CA SER D 130 -6.95 -34.04 -27.90
C SER D 130 -7.96 -35.10 -28.28
N THR D 131 -8.74 -35.58 -27.31
CA THR D 131 -9.78 -36.56 -27.65
C THR D 131 -10.79 -35.97 -28.62
N LEU D 132 -11.20 -34.72 -28.39
CA LEU D 132 -12.23 -34.11 -29.25
C LEU D 132 -11.76 -33.97 -30.68
N THR D 133 -10.51 -33.54 -30.88
CA THR D 133 -10.01 -33.27 -32.23
C THR D 133 -10.20 -34.49 -33.14
N GLN E 1 -11.27 20.82 5.29
CA GLN E 1 -10.27 20.38 6.29
C GLN E 1 -10.92 20.07 7.63
N VAL E 2 -10.41 19.05 8.33
CA VAL E 2 -10.97 18.66 9.61
C VAL E 2 -10.67 19.75 10.64
N GLN E 3 -11.58 19.90 11.60
CA GLN E 3 -11.45 20.93 12.62
C GLN E 3 -12.15 20.47 13.89
N LEU E 4 -11.49 20.70 15.03
CA LEU E 4 -12.05 20.43 16.35
C LEU E 4 -11.97 21.70 17.16
N HIS E 5 -13.10 22.13 17.73
CA HIS E 5 -13.19 23.34 18.52
C HIS E 5 -13.76 23.01 19.89
N GLN E 6 -13.11 23.49 20.93
CA GLN E 6 -13.50 23.20 22.30
C GLN E 6 -14.02 24.46 22.99
N SER E 7 -14.56 24.27 24.18
CA SER E 7 -15.09 25.39 24.96
C SER E 7 -13.95 26.35 25.34
N GLY E 8 -14.34 27.48 25.93
CA GLY E 8 -13.38 28.45 26.40
C GLY E 8 -12.80 28.06 27.74
N ASP E 9 -11.96 28.95 28.27
CA ASP E 9 -11.37 28.73 29.57
C ASP E 9 -12.44 28.79 30.65
N ASP E 10 -12.40 27.82 31.57
CA ASP E 10 -13.39 27.71 32.63
C ASP E 10 -12.70 27.72 33.98
N LEU E 11 -13.33 28.41 34.94
CA LEU E 11 -12.82 28.51 36.31
C LEU E 11 -13.92 28.06 37.26
N VAL E 12 -13.63 27.06 38.07
CA VAL E 12 -14.62 26.47 38.97
C VAL E 12 -13.98 26.26 40.34
N LYS E 13 -14.84 26.17 41.36
CA LYS E 13 -14.38 25.98 42.72
C LYS E 13 -13.93 24.53 42.94
N PRO E 14 -13.07 24.30 43.93
CA PRO E 14 -12.69 22.92 44.26
C PRO E 14 -13.88 22.11 44.72
N GLY E 15 -13.86 20.81 44.38
CA GLY E 15 -14.89 19.89 44.81
C GLY E 15 -16.11 19.83 43.92
N ALA E 16 -16.18 20.66 42.88
CA ALA E 16 -17.32 20.68 41.98
C ALA E 16 -17.01 19.83 40.74
N SER E 17 -17.87 19.92 39.74
CA SER E 17 -17.70 19.21 38.48
C SER E 17 -17.98 20.16 37.31
N VAL E 18 -17.38 19.86 36.17
CA VAL E 18 -17.50 20.71 34.99
C VAL E 18 -17.45 19.85 33.74
N LYS E 19 -18.10 20.32 32.68
CA LYS E 19 -18.17 19.62 31.41
C LYS E 19 -17.45 20.42 30.34
N LEU E 20 -16.54 19.77 29.62
CA LEU E 20 -15.81 20.37 28.52
C LEU E 20 -16.23 19.70 27.22
N SER E 21 -16.37 20.48 26.16
CA SER E 21 -16.88 19.99 24.89
C SER E 21 -15.84 20.16 23.79
N CYS E 22 -16.02 19.40 22.71
CA CYS E 22 -15.14 19.47 21.55
C CYS E 22 -15.99 19.12 20.33
N ARG E 23 -16.49 20.13 19.65
CA ARG E 23 -17.34 19.93 18.49
C ARG E 23 -16.51 19.62 17.26
N ALA E 24 -16.91 18.61 16.50
CA ALA E 24 -16.18 18.15 15.33
C ALA E 24 -16.80 18.70 14.05
N SER E 25 -15.98 18.80 13.01
CA SER E 25 -16.45 19.25 11.71
C SER E 25 -15.47 18.77 10.64
N GLY E 26 -15.97 18.68 9.41
CA GLY E 26 -15.15 18.32 8.28
C GLY E 26 -15.02 16.83 8.02
N TYR E 27 -15.63 15.99 8.83
CA TYR E 27 -15.51 14.54 8.66
C TYR E 27 -16.68 13.86 9.36
N THR E 28 -16.90 12.60 9.00
CA THR E 28 -17.95 11.82 9.64
C THR E 28 -17.61 11.60 11.11
N PHE E 29 -18.57 11.90 11.98
CA PHE E 29 -18.28 11.96 13.41
C PHE E 29 -18.17 10.57 14.03
N THR E 30 -18.99 9.62 13.60
CA THR E 30 -19.06 8.31 14.21
C THR E 30 -18.04 7.32 13.65
N SER E 31 -17.22 7.75 12.69
CA SER E 31 -16.27 6.86 12.03
C SER E 31 -14.89 6.88 12.69
N TYR E 32 -14.69 7.66 13.74
CA TYR E 32 -13.38 7.83 14.34
C TYR E 32 -13.51 7.86 15.85
N TRP E 33 -12.40 7.59 16.54
CA TRP E 33 -12.33 7.72 17.99
C TRP E 33 -11.92 9.13 18.37
N ILE E 34 -12.34 9.54 19.56
CA ILE E 34 -11.98 10.82 20.12
C ILE E 34 -11.20 10.55 21.41
N ASN E 35 -9.95 11.03 21.44
CA ASN E 35 -9.09 10.87 22.60
C ASN E 35 -9.03 12.18 23.37
N TRP E 36 -8.86 12.08 24.68
CA TRP E 36 -8.68 13.22 25.56
C TRP E 36 -7.30 13.16 26.18
N VAL E 37 -6.63 14.31 26.25
CA VAL E 37 -5.26 14.40 26.75
C VAL E 37 -5.20 15.56 27.74
N LYS E 38 -4.25 15.48 28.66
CA LYS E 38 -4.09 16.45 29.72
C LYS E 38 -2.65 16.92 29.75
N GLN E 39 -2.45 18.23 29.99
CA GLN E 39 -1.11 18.82 30.02
C GLN E 39 -1.04 19.80 31.18
N ARG E 40 -0.54 19.33 32.32
CA ARG E 40 -0.30 20.24 33.43
C ARG E 40 0.86 21.18 33.09
N PRO E 41 0.86 22.40 33.62
CA PRO E 41 1.91 23.37 33.24
C PRO E 41 3.31 22.80 33.40
N GLY E 42 4.00 22.67 32.26
CA GLY E 42 5.38 22.19 32.28
C GLY E 42 5.55 20.80 32.84
N GLN E 43 4.66 19.89 32.49
CA GLN E 43 4.75 18.51 32.97
C GLN E 43 4.48 17.46 31.91
N GLY E 44 4.22 17.85 30.67
CA GLY E 44 4.01 16.89 29.60
C GLY E 44 2.58 16.45 29.47
N LEU E 45 2.32 15.72 28.38
CA LEU E 45 0.98 15.27 28.05
C LEU E 45 0.63 14.01 28.85
N GLU E 46 -0.67 13.71 28.90
CA GLU E 46 -1.14 12.56 29.67
C GLU E 46 -2.49 12.11 29.11
N TRP E 47 -2.49 10.96 28.43
CA TRP E 47 -3.70 10.43 27.84
C TRP E 47 -4.75 10.12 28.91
N ILE E 48 -6.02 10.30 28.56
CA ILE E 48 -7.14 10.12 29.49
C ILE E 48 -8.00 8.93 29.10
N GLY E 49 -8.62 8.97 27.91
CA GLY E 49 -9.55 7.92 27.55
C GLY E 49 -9.93 8.00 26.10
N ARG E 50 -10.80 7.06 25.72
CA ARG E 50 -11.26 6.88 24.34
C ARG E 50 -12.78 6.82 24.33
N ILE E 51 -13.37 7.19 23.20
CA ILE E 51 -14.81 7.06 23.03
C ILE E 51 -15.15 7.04 21.55
N LEU E 52 -15.98 6.08 21.14
CA LEU E 52 -16.45 6.00 19.76
C LEU E 52 -17.88 6.48 19.72
N PRO E 53 -18.20 7.59 19.04
CA PRO E 53 -19.57 8.11 19.10
C PRO E 53 -20.63 7.12 18.64
N GLY E 54 -20.34 6.34 17.60
CA GLY E 54 -21.36 5.52 16.99
C GLY E 54 -21.58 4.16 17.61
N THR E 55 -20.74 3.73 18.54
CA THR E 55 -20.83 2.38 19.08
C THR E 55 -20.85 2.31 20.61
N ASN E 56 -20.79 3.44 21.30
CA ASN E 56 -20.84 3.46 22.76
C ASN E 56 -19.75 2.56 23.36
N SER E 57 -18.54 2.71 22.84
CA SER E 57 -17.36 2.03 23.37
C SER E 57 -16.50 3.04 24.11
N ILE E 58 -16.12 2.72 25.34
CA ILE E 58 -15.34 3.63 26.17
C ILE E 58 -14.19 2.85 26.80
N TYR E 59 -13.00 3.44 26.78
CA TYR E 59 -11.83 2.91 27.45
C TYR E 59 -11.22 4.01 28.30
N TYR E 60 -10.49 3.60 29.34
CA TYR E 60 -9.98 4.53 30.33
C TYR E 60 -8.55 4.18 30.68
N SER E 61 -7.86 5.13 31.29
CA SER E 61 -6.59 4.89 31.92
C SER E 61 -6.81 4.50 33.38
N GLU E 62 -5.96 3.63 33.90
CA GLU E 62 -6.07 3.24 35.29
C GLU E 62 -5.99 4.45 36.21
N ILE E 63 -5.31 5.51 35.77
CA ILE E 63 -5.16 6.70 36.60
C ILE E 63 -6.49 7.44 36.72
N PHE E 64 -7.26 7.50 35.62
CA PHE E 64 -8.45 8.33 35.54
C PHE E 64 -9.74 7.55 35.74
N LYS E 65 -9.66 6.28 36.15
CA LYS E 65 -10.87 5.49 36.33
C LYS E 65 -11.76 6.13 37.39
N GLY E 66 -12.90 6.67 36.98
CA GLY E 66 -13.83 7.31 37.87
C GLY E 66 -13.66 8.80 38.02
N LYS E 67 -12.47 9.33 37.71
CA LYS E 67 -12.23 10.77 37.80
C LYS E 67 -12.69 11.52 36.56
N ALA E 68 -12.96 10.82 35.47
CA ALA E 68 -13.49 11.43 34.26
C ALA E 68 -14.41 10.46 33.56
N SER E 69 -15.40 10.99 32.86
CA SER E 69 -16.36 10.18 32.12
C SER E 69 -16.60 10.81 30.76
N LEU E 70 -16.63 9.97 29.73
CA LEU E 70 -16.80 10.44 28.35
C LEU E 70 -18.21 10.16 27.88
N THR E 71 -18.86 11.18 27.33
CA THR E 71 -20.19 11.08 26.76
C THR E 71 -20.18 11.78 25.40
N VAL E 72 -21.19 11.47 24.59
CA VAL E 72 -21.27 12.02 23.24
C VAL E 72 -22.72 12.36 22.91
N ASP E 73 -22.89 13.39 22.08
CA ASP E 73 -24.19 13.80 21.56
C ASP E 73 -24.11 13.77 20.05
N THR E 74 -24.56 12.67 19.44
CA THR E 74 -24.38 12.49 18.00
C THR E 74 -25.26 13.42 17.19
N SER E 75 -26.27 14.05 17.81
CA SER E 75 -27.13 14.97 17.06
C SER E 75 -26.33 16.16 16.55
N SER E 76 -25.47 16.73 17.39
CA SER E 76 -24.65 17.89 17.03
C SER E 76 -23.18 17.54 16.88
N ASN E 77 -22.86 16.25 16.81
CA ASN E 77 -21.49 15.76 16.57
C ASN E 77 -20.48 16.44 17.49
N THR E 78 -20.83 16.54 18.78
CA THR E 78 -19.97 17.12 19.80
C THR E 78 -19.59 16.05 20.81
N ALA E 79 -18.37 16.14 21.33
CA ALA E 79 -17.85 15.22 22.32
C ALA E 79 -17.74 15.92 23.66
N TYR E 80 -17.95 15.17 24.75
CA TYR E 80 -17.94 15.72 26.09
C TYR E 80 -17.02 14.92 26.99
N ILE E 81 -16.44 15.61 27.97
CA ILE E 81 -15.69 14.97 29.06
C ILE E 81 -16.08 15.68 30.35
N GLN E 82 -16.49 14.92 31.36
CA GLN E 82 -16.93 15.46 32.63
C GLN E 82 -15.92 15.08 33.71
N LEU E 83 -15.45 16.08 34.44
CA LEU E 83 -14.48 15.90 35.50
C LEU E 83 -15.16 16.15 36.85
N SER E 84 -14.96 15.23 37.79
CA SER E 84 -15.59 15.30 39.10
C SER E 84 -14.53 15.20 40.19
N SER E 85 -14.92 15.60 41.40
CA SER E 85 -14.01 15.62 42.54
C SER E 85 -12.76 16.42 42.22
N LEU E 86 -12.97 17.59 41.61
CA LEU E 86 -11.85 18.43 41.19
C LEU E 86 -11.00 18.82 42.38
N SER E 87 -9.69 18.87 42.16
CA SER E 87 -8.73 19.20 43.20
C SER E 87 -7.70 20.16 42.62
N SER E 88 -6.76 20.58 43.47
CA SER E 88 -5.77 21.57 43.04
C SER E 88 -4.88 21.03 41.92
N GLU E 89 -4.71 19.72 41.83
CA GLU E 89 -3.84 19.12 40.83
C GLU E 89 -4.54 18.92 39.49
N ASP E 90 -5.82 19.24 39.38
CA ASP E 90 -6.58 19.02 38.15
C ASP E 90 -6.50 20.21 37.20
N SER E 91 -5.84 21.30 37.59
CA SER E 91 -5.72 22.47 36.73
C SER E 91 -4.71 22.19 35.63
N ALA E 92 -5.15 22.25 34.38
CA ALA E 92 -4.30 21.94 33.24
C ALA E 92 -5.06 22.29 31.97
N VAL E 93 -4.42 22.04 30.83
CA VAL E 93 -5.02 22.24 29.52
C VAL E 93 -5.45 20.87 28.99
N TYR E 94 -6.70 20.77 28.55
CA TYR E 94 -7.27 19.52 28.06
C TYR E 94 -7.51 19.62 26.56
N PHE E 95 -6.97 18.66 25.81
CA PHE E 95 -7.13 18.59 24.37
C PHE E 95 -8.02 17.41 24.01
N CYS E 96 -8.95 17.65 23.09
CA CYS E 96 -9.58 16.56 22.36
C CYS E 96 -8.75 16.27 21.11
N ALA E 97 -8.82 15.04 20.63
CA ALA E 97 -8.03 14.64 19.48
C ALA E 97 -8.76 13.54 18.73
N ARG E 98 -8.31 13.30 17.51
CA ARG E 98 -8.85 12.25 16.66
C ARG E 98 -7.79 11.18 16.44
N LEU E 99 -8.20 9.93 16.53
CA LEU E 99 -7.29 8.80 16.51
C LEU E 99 -7.08 8.33 15.08
N LEU E 100 -5.83 8.35 14.62
CA LEU E 100 -5.45 7.72 13.36
C LEU E 100 -5.24 6.24 13.65
N TRP E 101 -6.21 5.42 13.25
CA TRP E 101 -6.29 4.06 13.78
C TRP E 101 -5.12 3.20 13.32
N ASN E 102 -4.84 3.18 12.01
CA ASN E 102 -3.83 2.25 11.52
C ASN E 102 -2.45 2.56 12.09
N LYS E 103 -2.21 3.81 12.49
CA LYS E 103 -0.91 4.21 13.02
C LYS E 103 -0.88 4.28 14.54
N GLY E 104 -2.03 4.29 15.20
CA GLY E 104 -2.05 4.45 16.64
C GLY E 104 -1.51 5.79 17.08
N ALA E 105 -1.88 6.86 16.39
CA ALA E 105 -1.42 8.22 16.67
C ALA E 105 -2.64 9.14 16.77
N MET E 106 -2.37 10.42 16.98
CA MET E 106 -3.40 11.46 16.94
C MET E 106 -3.05 12.40 15.80
N ASP E 107 -3.99 12.59 14.87
CA ASP E 107 -3.74 13.36 13.67
C ASP E 107 -4.37 14.75 13.70
N TYR E 108 -5.36 14.97 14.56
CA TYR E 108 -5.99 16.27 14.69
C TYR E 108 -6.26 16.56 16.15
N TRP E 109 -5.95 17.77 16.58
CA TRP E 109 -6.11 18.20 17.96
C TRP E 109 -6.97 19.45 18.01
N GLY E 110 -7.59 19.66 19.18
CA GLY E 110 -8.29 20.90 19.44
C GLY E 110 -7.33 21.99 19.86
N GLN E 111 -7.89 23.16 20.15
CA GLN E 111 -7.07 24.29 20.57
C GLN E 111 -6.77 24.29 22.06
N GLY E 112 -7.29 23.32 22.81
CA GLY E 112 -7.03 23.23 24.23
C GLY E 112 -8.03 23.99 25.06
N THR E 113 -8.35 23.48 26.24
CA THR E 113 -9.33 24.09 27.14
C THR E 113 -8.73 24.17 28.53
N SER E 114 -8.26 25.34 28.91
CA SER E 114 -7.67 25.53 30.22
C SER E 114 -8.75 25.50 31.30
N VAL E 115 -8.46 24.80 32.39
CA VAL E 115 -9.34 24.74 33.55
C VAL E 115 -8.50 24.94 34.80
N THR E 116 -8.96 25.82 35.69
CA THR E 116 -8.26 26.14 36.92
C THR E 116 -9.22 26.10 38.08
N VAL E 117 -8.72 25.69 39.24
CA VAL E 117 -9.51 25.64 40.47
C VAL E 117 -8.75 26.37 41.57
N SER E 118 -9.45 27.24 42.29
CA SER E 118 -8.84 27.99 43.38
C SER E 118 -9.94 28.47 44.32
N SER E 119 -9.54 28.76 45.55
CA SER E 119 -10.46 29.32 46.54
C SER E 119 -10.61 30.83 46.40
N ALA E 120 -9.74 31.49 45.63
CA ALA E 120 -9.80 32.93 45.48
C ALA E 120 -10.98 33.33 44.59
N SER E 121 -11.33 34.61 44.67
CA SER E 121 -12.43 35.18 43.89
C SER E 121 -11.92 36.38 43.13
N THR E 122 -12.76 36.89 42.24
CA THR E 122 -12.37 38.02 41.40
C THR E 122 -11.99 39.22 42.26
N LYS E 123 -10.89 39.86 41.89
CA LYS E 123 -10.41 41.05 42.60
C LYS E 123 -9.71 41.96 41.62
N GLY E 124 -9.66 43.25 41.96
CA GLY E 124 -9.03 44.24 41.11
C GLY E 124 -7.53 44.26 41.28
N PRO E 125 -6.82 44.76 40.26
CA PRO E 125 -5.34 44.82 40.35
C PRO E 125 -4.84 46.08 41.00
N SER E 126 -4.08 45.93 42.10
CA SER E 126 -3.38 47.07 42.69
C SER E 126 -2.13 47.37 41.89
N VAL E 127 -1.92 48.65 41.58
CA VAL E 127 -0.81 49.08 40.72
C VAL E 127 0.07 50.01 41.50
N PHE E 128 1.38 49.75 41.47
CA PHE E 128 2.38 50.61 42.08
C PHE E 128 3.45 50.96 41.06
N PRO E 129 4.03 52.15 41.14
CA PRO E 129 5.05 52.53 40.15
C PRO E 129 6.45 52.07 40.53
N LEU E 130 7.08 51.29 39.66
CA LEU E 130 8.49 50.94 39.80
C LEU E 130 9.32 52.09 39.24
N ALA E 131 9.30 53.20 39.98
CA ALA E 131 9.90 54.43 39.49
C ALA E 131 11.41 54.27 39.35
N PRO E 132 12.03 54.94 38.38
CA PRO E 132 13.49 54.88 38.26
C PRO E 132 14.17 55.72 39.32
N SER E 133 15.45 55.45 39.52
CA SER E 133 16.26 56.19 40.48
C SER E 133 17.72 56.07 40.08
N SER E 134 18.55 56.91 40.69
CA SER E 134 19.98 56.88 40.40
C SER E 134 20.58 55.51 40.66
N LYS E 135 20.01 54.75 41.59
CA LYS E 135 20.49 53.40 41.84
C LYS E 135 20.33 52.52 40.60
N SER E 136 19.19 52.65 39.92
CA SER E 136 18.90 51.88 38.72
C SER E 136 19.47 52.52 37.45
N THR E 137 20.46 53.40 37.58
CA THR E 137 21.06 54.08 36.44
C THR E 137 22.40 53.43 36.12
N SER E 138 22.54 52.94 34.90
CA SER E 138 23.79 52.37 34.40
C SER E 138 24.10 53.00 33.05
N GLY E 139 25.23 53.70 32.96
CA GLY E 139 25.57 54.38 31.74
C GLY E 139 24.52 55.43 31.40
N GLY E 140 24.05 55.39 30.15
CA GLY E 140 23.05 56.34 29.69
C GLY E 140 21.65 55.78 29.67
N THR E 141 21.40 54.69 30.39
CA THR E 141 20.12 54.02 30.39
C THR E 141 19.65 53.79 31.82
N ALA E 142 18.33 53.75 31.99
CA ALA E 142 17.71 53.49 33.28
C ALA E 142 16.57 52.50 33.07
N ALA E 143 15.91 52.13 34.17
CA ALA E 143 14.83 51.16 34.14
C ALA E 143 13.63 51.69 34.91
N LEU E 144 12.45 51.43 34.38
CA LEU E 144 11.20 51.78 35.04
C LEU E 144 10.13 50.80 34.61
N GLY E 145 9.09 50.67 35.43
CA GLY E 145 8.06 49.70 35.12
C GLY E 145 6.85 49.89 36.00
N CYS E 146 5.88 49.00 35.82
CA CYS E 146 4.64 48.98 36.59
C CYS E 146 4.49 47.60 37.23
N LEU E 147 4.08 47.60 38.50
CA LEU E 147 3.92 46.37 39.26
C LEU E 147 2.43 46.14 39.53
N VAL E 148 1.94 44.97 39.13
CA VAL E 148 0.55 44.57 39.35
C VAL E 148 0.54 43.52 40.45
N LYS E 149 -0.36 43.67 41.41
CA LYS E 149 -0.42 42.79 42.56
C LYS E 149 -1.87 42.55 42.96
N ASP E 150 -2.11 41.41 43.60
CA ASP E 150 -3.41 41.08 44.16
C ASP E 150 -4.53 41.21 43.12
N TYR E 151 -4.36 40.51 42.00
CA TYR E 151 -5.38 40.43 40.97
C TYR E 151 -5.73 38.97 40.73
N PHE E 152 -6.99 38.74 40.32
CA PHE E 152 -7.44 37.39 40.04
C PHE E 152 -8.76 37.46 39.28
N PRO E 153 -8.98 36.61 38.28
CA PRO E 153 -8.08 35.61 37.69
C PRO E 153 -7.29 36.16 36.52
N GLU E 154 -6.63 35.29 35.74
CA GLU E 154 -5.90 35.72 34.56
C GLU E 154 -6.87 36.13 33.46
N PRO E 155 -6.39 36.87 32.45
CA PRO E 155 -5.04 37.42 32.25
C PRO E 155 -4.96 38.92 32.55
N VAL E 156 -3.82 39.53 32.26
CA VAL E 156 -3.65 40.98 32.35
C VAL E 156 -2.85 41.44 31.14
N THR E 157 -3.30 42.54 30.53
CA THR E 157 -2.64 43.11 29.36
C THR E 157 -2.14 44.50 29.70
N VAL E 158 -0.87 44.76 29.38
CA VAL E 158 -0.24 46.05 29.67
C VAL E 158 0.46 46.53 28.40
N SER E 159 0.16 47.76 27.99
CA SER E 159 0.78 48.39 26.84
C SER E 159 1.19 49.81 27.21
N TRP E 160 2.41 50.18 26.81
CA TRP E 160 2.99 51.45 27.22
C TRP E 160 2.64 52.54 26.22
N ASN E 161 2.33 53.74 26.73
CA ASN E 161 1.95 54.88 25.91
C ASN E 161 0.75 54.53 25.02
N SER E 162 -0.19 53.78 25.59
CA SER E 162 -1.39 53.34 24.87
C SER E 162 -1.01 52.57 23.59
N GLY E 163 0.01 51.72 23.71
CA GLY E 163 0.46 50.93 22.59
C GLY E 163 1.44 51.60 21.67
N ALA E 164 1.76 52.87 21.91
CA ALA E 164 2.74 53.56 21.06
C ALA E 164 4.11 52.93 21.17
N LEU E 165 4.55 52.59 22.38
CA LEU E 165 5.87 52.03 22.62
C LEU E 165 5.82 50.51 22.45
N THR E 166 6.71 49.97 21.61
CA THR E 166 6.75 48.56 21.33
C THR E 166 8.14 47.96 21.38
N SER E 167 9.17 48.75 21.65
CA SER E 167 10.54 48.26 21.71
C SER E 167 10.85 47.80 23.14
N GLY E 168 11.09 46.52 23.32
CA GLY E 168 11.36 45.97 24.64
C GLY E 168 10.08 45.68 25.40
N VAL E 169 9.74 46.54 26.35
CA VAL E 169 8.52 46.43 27.14
C VAL E 169 8.27 44.99 27.56
N HIS E 170 9.30 44.35 28.13
CA HIS E 170 9.16 42.98 28.59
C HIS E 170 8.07 42.88 29.65
N THR E 171 7.21 41.87 29.50
CA THR E 171 6.19 41.55 30.49
C THR E 171 6.41 40.14 30.98
N PHE E 172 6.39 39.95 32.30
CA PHE E 172 6.76 38.68 32.87
C PHE E 172 5.52 37.83 33.16
N PRO E 173 5.60 36.51 33.00
CA PRO E 173 4.46 35.67 33.39
C PRO E 173 4.15 35.80 34.87
N ALA E 174 2.86 35.71 35.18
CA ALA E 174 2.42 35.93 36.55
C ALA E 174 2.82 34.79 37.47
N VAL E 175 2.77 35.06 38.77
CA VAL E 175 3.06 34.09 39.81
C VAL E 175 1.94 34.14 40.83
N LEU E 176 1.86 33.11 41.68
CA LEU E 176 0.80 32.97 42.66
C LEU E 176 1.33 33.25 44.06
N GLN E 177 0.59 34.06 44.82
CA GLN E 177 0.90 34.33 46.21
C GLN E 177 0.38 33.18 47.09
N SER E 178 0.57 33.32 48.40
CA SER E 178 0.06 32.31 49.33
C SER E 178 -1.45 32.30 49.37
N SER E 179 -2.09 33.47 49.22
CA SER E 179 -3.54 33.55 49.29
C SER E 179 -4.22 33.09 48.01
N GLY E 180 -3.46 32.84 46.94
CA GLY E 180 -4.01 32.42 45.68
C GLY E 180 -4.09 33.51 44.63
N LEU E 181 -3.96 34.78 45.02
CA LEU E 181 -3.99 35.85 44.05
C LEU E 181 -2.75 35.79 43.15
N TYR E 182 -2.69 36.71 42.20
CA TYR E 182 -1.65 36.72 41.18
C TYR E 182 -0.85 38.02 41.25
N SER E 183 0.35 37.95 40.68
CA SER E 183 1.25 39.10 40.61
C SER E 183 1.92 39.13 39.25
N LEU E 184 2.36 40.31 38.85
CA LEU E 184 2.95 40.50 37.53
C LEU E 184 3.81 41.76 37.57
N SER E 185 4.75 41.85 36.64
CA SER E 185 5.58 43.03 36.53
C SER E 185 5.98 43.24 35.07
N SER E 186 6.15 44.50 34.69
CA SER E 186 6.64 44.88 33.38
C SER E 186 7.66 45.99 33.54
N VAL E 187 8.60 46.05 32.60
CA VAL E 187 9.73 46.99 32.71
C VAL E 187 10.10 47.46 31.31
N VAL E 188 10.81 48.59 31.26
CA VAL E 188 11.26 49.21 30.02
C VAL E 188 12.58 49.90 30.28
N THR E 189 13.45 49.89 29.27
CA THR E 189 14.75 50.55 29.33
C THR E 189 14.75 51.72 28.36
N VAL E 190 14.98 52.91 28.88
CA VAL E 190 14.98 54.13 28.06
C VAL E 190 16.16 55.00 28.48
N PRO E 191 16.59 55.92 27.61
CA PRO E 191 17.69 56.81 27.98
C PRO E 191 17.35 57.64 29.21
N SER E 192 18.35 57.85 30.07
CA SER E 192 18.14 58.66 31.26
C SER E 192 17.80 60.09 30.90
N SER E 193 18.44 60.64 29.86
CA SER E 193 18.17 62.01 29.44
C SER E 193 16.71 62.17 29.01
N SER E 194 16.17 61.19 28.29
CA SER E 194 14.79 61.28 27.84
C SER E 194 13.80 61.33 29.00
N LEU E 195 14.21 60.89 30.19
CA LEU E 195 13.31 60.89 31.34
C LEU E 195 12.86 62.30 31.69
N GLY E 196 13.69 63.29 31.41
CA GLY E 196 13.38 64.66 31.83
C GLY E 196 12.07 65.17 31.23
N THR E 197 11.82 64.81 29.97
CA THR E 197 10.66 65.31 29.23
C THR E 197 9.63 64.24 28.94
N GLN E 198 10.04 63.12 28.35
CA GLN E 198 9.09 62.10 27.94
C GLN E 198 8.33 61.56 29.14
N THR E 199 7.03 61.30 28.94
CA THR E 199 6.16 60.75 29.97
C THR E 199 5.81 59.32 29.61
N TYR E 200 5.95 58.42 30.59
CA TYR E 200 5.70 57.00 30.40
C TYR E 200 4.50 56.55 31.20
N ILE E 201 3.64 55.75 30.57
CA ILE E 201 2.44 55.21 31.20
C ILE E 201 2.32 53.75 30.80
N CYS E 202 1.87 52.91 31.71
CA CYS E 202 1.74 51.48 31.44
C CYS E 202 0.33 51.05 31.07
N ASN E 203 -0.70 51.73 31.58
CA ASN E 203 -2.09 51.50 31.17
C ASN E 203 -2.46 50.01 31.30
N VAL E 204 -2.45 49.54 32.56
CA VAL E 204 -2.84 48.16 32.82
C VAL E 204 -4.33 47.98 32.56
N ASN E 205 -4.70 46.80 32.11
CA ASN E 205 -6.10 46.46 31.82
C ASN E 205 -6.43 45.10 32.44
N HIS E 206 -7.59 45.03 33.08
CA HIS E 206 -8.05 43.80 33.73
C HIS E 206 -9.44 43.48 33.17
N LYS E 207 -9.50 42.53 32.23
CA LYS E 207 -10.76 42.19 31.58
C LYS E 207 -11.81 41.67 32.56
N PRO E 208 -11.52 40.67 33.41
CA PRO E 208 -12.59 40.08 34.22
C PRO E 208 -13.27 41.07 35.16
N SER E 209 -12.53 42.05 35.68
CA SER E 209 -13.10 43.08 36.53
C SER E 209 -13.48 44.34 35.77
N ASN E 210 -13.04 44.48 34.51
CA ASN E 210 -13.31 45.67 33.70
C ASN E 210 -12.79 46.92 34.41
N THR E 211 -11.48 46.96 34.60
CA THR E 211 -10.82 48.08 35.27
C THR E 211 -9.60 48.50 34.46
N LYS E 212 -9.30 49.80 34.51
CA LYS E 212 -8.15 50.36 33.83
C LYS E 212 -7.46 51.36 34.76
N VAL E 213 -6.13 51.28 34.82
CA VAL E 213 -5.33 52.19 35.64
C VAL E 213 -4.15 52.64 34.79
N ASP E 214 -4.13 53.92 34.43
CA ASP E 214 -3.05 54.48 33.61
C ASP E 214 -2.00 55.11 34.52
N LYS E 215 -1.31 54.25 35.25
CA LYS E 215 -0.28 54.71 36.17
C LYS E 215 0.86 55.36 35.42
N LYS E 216 1.37 56.45 35.96
CA LYS E 216 2.48 57.20 35.38
C LYS E 216 3.77 56.91 36.13
N ALA E 217 4.85 56.74 35.39
CA ALA E 217 6.17 56.48 35.96
C ALA E 217 7.04 57.71 35.75
N GLU E 218 7.56 58.26 36.85
CA GLU E 218 8.41 59.44 36.81
C GLU E 218 9.51 59.30 37.85
N PRO E 219 10.67 59.92 37.61
CA PRO E 219 11.73 59.89 38.63
C PRO E 219 11.40 60.79 39.81
N LYS E 220 11.99 60.45 40.95
CA LYS E 220 11.80 61.24 42.17
C LYS E 220 12.85 62.34 42.26
N GLN F 1 2.75 0.16 32.65
CA GLN F 1 2.69 0.91 31.35
C GLN F 1 4.08 1.40 30.96
N ILE F 2 4.34 1.46 29.66
CA ILE F 2 5.66 1.86 29.19
C ILE F 2 5.95 3.29 29.62
N VAL F 3 7.20 3.53 30.00
CA VAL F 3 7.67 4.86 30.39
C VAL F 3 8.68 5.31 29.34
N LEU F 4 8.43 6.46 28.74
CA LEU F 4 9.30 7.04 27.73
C LEU F 4 10.05 8.22 28.36
N SER F 5 11.37 8.22 28.20
CA SER F 5 12.23 9.24 28.79
C SER F 5 13.01 9.92 27.69
N GLN F 6 12.88 11.24 27.57
CA GLN F 6 13.54 12.02 26.55
C GLN F 6 14.67 12.82 27.16
N SER F 7 15.83 12.81 26.51
CA SER F 7 16.98 13.60 26.92
C SER F 7 17.60 14.23 25.69
N PRO F 8 18.25 15.39 25.83
CA PRO F 8 18.39 16.19 27.06
C PRO F 8 17.12 16.97 27.39
N VAL F 9 16.87 17.28 28.66
CA VAL F 9 15.63 17.94 29.04
C VAL F 9 15.51 19.27 28.31
N ILE F 10 16.58 20.04 28.27
CA ILE F 10 16.65 21.30 27.53
C ILE F 10 17.86 21.24 26.61
N LEU F 11 17.66 21.54 25.34
CA LEU F 11 18.72 21.47 24.34
C LEU F 11 18.88 22.84 23.71
N SER F 12 20.12 23.30 23.62
CA SER F 12 20.45 24.60 23.03
C SER F 12 21.35 24.37 21.83
N ALA F 13 20.91 24.85 20.66
CA ALA F 13 21.62 24.62 19.41
C ALA F 13 21.65 25.91 18.60
N SER F 14 22.83 26.23 18.07
CA SER F 14 22.96 27.39 17.22
C SER F 14 22.26 27.14 15.88
N PRO F 15 21.73 28.19 15.25
CA PRO F 15 21.07 28.00 13.96
C PRO F 15 22.04 27.43 12.94
N GLY F 16 21.52 26.56 12.07
CA GLY F 16 22.34 25.87 11.09
C GLY F 16 23.09 24.68 11.62
N GLU F 17 22.92 24.32 12.90
CA GLU F 17 23.61 23.19 13.50
C GLU F 17 22.77 21.93 13.37
N LYS F 18 23.46 20.80 13.19
CA LYS F 18 22.82 19.49 13.19
C LYS F 18 22.78 18.95 14.61
N VAL F 19 21.59 18.60 15.07
CA VAL F 19 21.39 18.11 16.43
C VAL F 19 20.49 16.88 16.41
N THR F 20 20.54 16.12 17.49
CA THR F 20 19.76 14.91 17.65
C THR F 20 19.13 14.88 19.03
N MET F 21 17.96 14.24 19.12
CA MET F 21 17.24 14.09 20.37
C MET F 21 16.83 12.63 20.49
N THR F 22 16.66 12.16 21.71
CA THR F 22 16.45 10.74 21.97
C THR F 22 15.28 10.51 22.90
N CYS F 23 14.44 9.56 22.55
CA CYS F 23 13.38 9.05 23.41
C CYS F 23 13.63 7.56 23.62
N ARG F 24 13.69 7.14 24.88
CA ARG F 24 14.08 5.79 25.25
C ARG F 24 12.93 5.10 25.97
N ALA F 25 12.54 3.92 25.49
CA ALA F 25 11.41 3.19 26.03
C ALA F 25 11.88 2.18 27.08
N SER F 26 11.12 2.07 28.18
CA SER F 26 11.47 1.11 29.21
C SER F 26 11.43 -0.32 28.66
N SER F 27 10.41 -0.63 27.87
CA SER F 27 10.31 -1.90 27.18
C SER F 27 10.14 -1.64 25.70
N GLY F 28 10.63 -2.57 24.89
CA GLY F 28 10.65 -2.35 23.45
C GLY F 28 9.28 -2.02 22.91
N VAL F 29 9.25 -1.15 21.90
CA VAL F 29 8.03 -0.75 21.22
C VAL F 29 8.26 -0.89 19.73
N SER F 30 7.16 -0.99 18.99
CA SER F 30 7.26 -1.18 17.54
C SER F 30 7.62 0.12 16.82
N SER F 31 7.06 1.24 17.26
CA SER F 31 7.33 2.52 16.62
C SER F 31 7.02 3.64 17.60
N ILE F 32 7.50 4.83 17.26
CA ILE F 32 7.35 6.03 18.08
C ILE F 32 6.82 7.15 17.21
N HIS F 33 5.88 7.91 17.73
CA HIS F 33 5.38 9.11 17.08
C HIS F 33 5.95 10.33 17.78
N TRP F 34 6.03 11.44 17.05
CA TRP F 34 6.58 12.69 17.56
C TRP F 34 5.60 13.82 17.32
N TYR F 35 5.58 14.77 18.24
CA TYR F 35 4.73 15.95 18.13
C TYR F 35 5.54 17.18 18.48
N GLN F 36 5.13 18.31 17.92
CA GLN F 36 5.75 19.60 18.22
C GLN F 36 4.66 20.54 18.74
N GLN F 37 4.92 21.16 19.89
CA GLN F 37 3.98 22.09 20.49
C GLN F 37 4.68 23.42 20.71
N GLN F 38 4.31 24.42 19.92
CA GLN F 38 4.76 25.78 20.16
C GLN F 38 4.03 26.34 21.38
N PRO F 39 4.61 27.34 22.05
CA PRO F 39 3.97 27.86 23.26
C PRO F 39 2.55 28.35 22.99
N GLY F 40 1.66 28.06 23.93
CA GLY F 40 0.28 28.49 23.81
C GLY F 40 -0.43 27.94 22.59
N SER F 41 -0.15 26.69 22.23
CA SER F 41 -0.76 26.08 21.06
C SER F 41 -0.85 24.58 21.28
N SER F 42 -1.72 23.94 20.52
CA SER F 42 -1.91 22.51 20.62
C SER F 42 -0.76 21.76 19.93
N PRO F 43 -0.52 20.51 20.32
CA PRO F 43 0.52 19.73 19.63
C PRO F 43 0.14 19.49 18.18
N LYS F 44 1.17 19.30 17.35
CA LYS F 44 1.00 19.09 15.92
C LYS F 44 1.73 17.82 15.52
N PRO F 45 1.09 16.90 14.80
CA PRO F 45 1.80 15.70 14.35
C PRO F 45 3.05 16.08 13.57
N TRP F 46 4.16 15.43 13.90
CA TRP F 46 5.45 15.70 13.27
C TRP F 46 5.99 14.49 12.54
N ILE F 47 6.09 13.34 13.19
CA ILE F 47 6.62 12.13 12.58
C ILE F 47 5.77 10.95 13.04
N TYR F 48 5.09 10.29 12.10
CA TYR F 48 4.39 9.05 12.38
C TYR F 48 5.33 7.87 12.20
N ASP F 49 5.07 6.80 12.95
CA ASP F 49 5.75 5.52 12.76
C ASP F 49 7.27 5.65 12.75
N THR F 50 7.80 6.71 13.37
CA THR F 50 9.23 6.92 13.54
C THR F 50 9.95 7.30 12.24
N SER F 51 9.27 7.18 11.10
CA SER F 51 9.89 7.56 9.83
C SER F 51 8.99 8.34 8.90
N SER F 52 7.67 8.23 8.99
CA SER F 52 6.76 8.86 8.05
C SER F 52 6.61 10.33 8.41
N LEU F 53 7.42 11.17 7.78
CA LEU F 53 7.34 12.61 7.97
C LEU F 53 5.92 13.08 7.67
N ALA F 54 5.28 13.66 8.68
CA ALA F 54 3.88 14.03 8.56
C ALA F 54 3.66 15.06 7.46
N SER F 55 2.53 14.94 6.77
CA SER F 55 2.24 15.85 5.67
C SER F 55 2.20 17.29 6.16
N GLY F 56 2.76 18.18 5.35
CA GLY F 56 2.84 19.59 5.69
C GLY F 56 3.99 19.97 6.60
N VAL F 57 4.86 19.02 6.93
CA VAL F 57 5.97 19.28 7.85
C VAL F 57 7.20 19.62 7.01
N PRO F 58 8.05 20.55 7.46
CA PRO F 58 9.29 20.83 6.72
C PRO F 58 10.15 19.57 6.61
N ALA F 59 10.83 19.45 5.46
CA ALA F 59 11.65 18.29 5.17
C ALA F 59 12.99 18.30 5.89
N ARG F 60 13.21 19.24 6.81
CA ARG F 60 14.46 19.29 7.57
C ARG F 60 14.47 18.32 8.74
N PHE F 61 13.32 17.76 9.11
CA PHE F 61 13.22 16.82 10.21
C PHE F 61 13.25 15.39 9.69
N SER F 62 13.86 14.50 10.47
CA SER F 62 13.92 13.09 10.13
C SER F 62 14.05 12.29 11.41
N GLY F 63 13.47 11.09 11.42
CA GLY F 63 13.50 10.24 12.58
C GLY F 63 13.91 8.83 12.22
N SER F 64 14.47 8.14 13.20
CA SER F 64 14.90 6.76 13.02
C SER F 64 15.21 6.15 14.37
N GLY F 65 15.11 4.84 14.44
CA GLY F 65 15.38 4.12 15.67
C GLY F 65 14.81 2.72 15.62
N SER F 66 14.98 2.01 16.74
CA SER F 66 14.46 0.66 16.85
C SER F 66 14.55 0.21 18.30
N GLY F 67 13.76 -0.80 18.62
CA GLY F 67 13.81 -1.37 19.96
C GLY F 67 13.44 -0.33 21.00
N THR F 68 14.32 -0.15 21.98
CA THR F 68 14.08 0.76 23.09
C THR F 68 14.78 2.10 22.93
N SER F 69 15.42 2.36 21.79
CA SER F 69 16.09 3.62 21.55
C SER F 69 15.60 4.22 20.24
N TYR F 70 15.08 5.43 20.30
CA TYR F 70 14.64 6.18 19.13
C TYR F 70 15.20 7.59 19.21
N SER F 71 15.16 8.30 18.08
CA SER F 71 15.76 9.61 18.01
C SER F 71 15.07 10.47 16.96
N LEU F 72 14.93 11.76 17.26
CA LEU F 72 14.44 12.76 16.33
C LEU F 72 15.57 13.74 16.03
N THR F 73 15.89 13.91 14.74
CA THR F 73 17.05 14.66 14.31
C THR F 73 16.64 15.83 13.42
N ILE F 74 17.43 16.89 13.48
CA ILE F 74 17.27 18.05 12.61
C ILE F 74 18.57 18.24 11.83
N SER F 75 18.46 18.32 10.51
CA SER F 75 19.65 18.54 9.69
C SER F 75 20.28 19.89 10.00
N ARG F 76 19.46 20.93 10.10
CA ARG F 76 19.95 22.27 10.40
C ARG F 76 18.86 23.04 11.12
N VAL F 77 19.18 23.55 12.31
CA VAL F 77 18.19 24.27 13.10
C VAL F 77 17.74 25.52 12.34
N GLU F 78 16.53 25.98 12.65
CA GLU F 78 15.99 27.20 12.08
C GLU F 78 15.17 27.92 13.15
N ALA F 79 14.77 29.16 12.83
CA ALA F 79 14.05 29.97 13.81
C ALA F 79 12.72 29.34 14.18
N GLU F 80 12.05 28.71 13.21
CA GLU F 80 10.72 28.15 13.45
C GLU F 80 10.75 26.96 14.41
N ASP F 81 11.92 26.42 14.73
CA ASP F 81 12.03 25.18 15.48
C ASP F 81 11.98 25.37 16.99
N ALA F 82 11.86 26.59 17.49
CA ALA F 82 11.81 26.82 18.92
C ALA F 82 10.49 26.30 19.45
N ALA F 83 10.52 25.09 20.01
CA ALA F 83 9.32 24.44 20.54
C ALA F 83 9.76 23.26 21.38
N THR F 84 8.79 22.47 21.84
CA THR F 84 9.03 21.27 22.62
C THR F 84 8.50 20.06 21.86
N TYR F 85 9.26 18.98 21.88
CA TYR F 85 8.95 17.78 21.14
C TYR F 85 8.63 16.64 22.09
N TYR F 86 7.50 15.97 21.87
CA TYR F 86 7.04 14.88 22.71
C TYR F 86 7.04 13.59 21.89
N CYS F 87 7.58 12.53 22.47
CA CYS F 87 7.50 11.20 21.87
C CYS F 87 6.32 10.46 22.46
N GLN F 88 5.71 9.60 21.65
CA GLN F 88 4.50 8.88 22.04
C GLN F 88 4.57 7.46 21.52
N GLN F 89 3.94 6.55 22.25
CA GLN F 89 3.84 5.16 21.84
C GLN F 89 2.43 4.66 22.09
N TRP F 90 1.97 3.76 21.23
CA TRP F 90 0.72 3.05 21.46
C TRP F 90 0.88 1.56 21.18
N SER F 91 2.06 1.02 21.44
CA SER F 91 2.27 -0.41 21.31
C SER F 91 1.59 -1.19 22.42
N SER F 92 1.08 -0.53 23.44
CA SER F 92 0.36 -1.17 24.52
C SER F 92 -0.61 -0.17 25.13
N ASN F 93 -1.59 -0.67 25.85
CA ASN F 93 -2.51 0.25 26.51
C ASN F 93 -2.04 0.52 27.94
N PRO F 94 -2.16 1.76 28.43
CA PRO F 94 -2.58 2.98 27.73
C PRO F 94 -1.43 3.63 26.97
N PRO F 95 -1.70 4.45 25.97
CA PRO F 95 -0.61 5.19 25.31
C PRO F 95 0.03 6.18 26.28
N THR F 96 1.31 6.44 26.06
CA THR F 96 2.08 7.29 26.95
C THR F 96 2.89 8.29 26.13
N PHE F 97 3.16 9.43 26.75
CA PHE F 97 3.98 10.48 26.17
C PHE F 97 5.26 10.62 26.99
N GLY F 98 6.26 11.26 26.38
CA GLY F 98 7.46 11.59 27.09
C GLY F 98 7.30 12.84 27.93
N ALA F 99 8.36 13.18 28.65
CA ALA F 99 8.32 14.38 29.48
C ALA F 99 8.54 15.65 28.67
N GLY F 100 9.02 15.53 27.44
CA GLY F 100 9.23 16.67 26.57
C GLY F 100 10.66 17.15 26.61
N THR F 101 11.14 17.64 25.46
CA THR F 101 12.48 18.20 25.34
C THR F 101 12.40 19.51 24.58
N LYS F 102 12.71 20.61 25.27
CA LYS F 102 12.59 21.94 24.68
C LYS F 102 13.75 22.23 23.75
N LEU F 103 13.51 23.14 22.81
CA LEU F 103 14.48 23.55 21.81
C LEU F 103 14.72 25.04 21.94
N GLU F 104 15.99 25.44 22.06
CA GLU F 104 16.36 26.83 22.27
C GLU F 104 17.50 27.19 21.34
N LEU F 105 17.60 28.48 21.02
CA LEU F 105 18.60 28.98 20.09
C LEU F 105 19.77 29.60 20.86
N LYS F 106 20.97 29.42 20.33
CA LYS F 106 22.19 29.86 20.98
C LYS F 106 22.51 31.31 20.64
N ARG F 107 23.35 31.92 21.47
CA ARG F 107 23.89 33.24 21.19
C ARG F 107 25.21 33.38 21.95
N THR F 108 26.02 34.33 21.49
CA THR F 108 27.26 34.65 22.19
C THR F 108 26.95 35.09 23.62
N VAL F 109 27.80 34.66 24.56
CA VAL F 109 27.54 34.93 25.97
C VAL F 109 27.43 36.43 26.19
N ALA F 110 26.31 36.84 26.77
CA ALA F 110 26.06 38.25 27.09
C ALA F 110 25.63 38.35 28.54
N ALA F 111 26.26 39.26 29.28
CA ALA F 111 25.99 39.39 30.70
C ALA F 111 24.71 40.19 30.95
N PRO F 112 24.00 39.92 32.04
CA PRO F 112 22.80 40.70 32.35
C PRO F 112 23.13 42.11 32.80
N SER F 113 22.18 43.00 32.61
CA SER F 113 22.26 44.37 33.12
C SER F 113 21.34 44.47 34.32
N VAL F 114 21.93 44.72 35.49
CA VAL F 114 21.23 44.60 36.75
C VAL F 114 20.57 45.93 37.13
N PHE F 115 19.40 45.83 37.75
CA PHE F 115 18.72 46.98 38.32
C PHE F 115 18.10 46.57 39.65
N ILE F 116 17.49 47.53 40.33
CA ILE F 116 16.77 47.28 41.58
C ILE F 116 15.86 48.47 41.85
N PHE F 117 14.69 48.18 42.41
CA PHE F 117 13.68 49.18 42.68
C PHE F 117 13.21 49.09 44.13
N PRO F 118 13.29 50.16 44.90
CA PRO F 118 12.69 50.16 46.24
C PRO F 118 11.18 50.25 46.16
N PRO F 119 10.47 50.00 47.25
CA PRO F 119 9.01 50.13 47.22
C PRO F 119 8.59 51.57 47.00
N SER F 120 7.45 51.73 46.32
CA SER F 120 6.91 53.06 46.07
C SER F 120 6.12 53.53 47.28
N ASP F 121 5.84 54.85 47.29
CA ASP F 121 5.09 55.42 48.41
C ASP F 121 3.70 54.79 48.52
N GLU F 122 3.01 54.64 47.39
CA GLU F 122 1.67 54.05 47.40
C GLU F 122 1.70 52.58 47.80
N GLN F 123 2.84 51.92 47.68
CA GLN F 123 2.95 50.51 48.02
C GLN F 123 3.01 50.26 49.53
N LEU F 124 3.26 51.29 50.33
CA LEU F 124 3.38 51.12 51.78
C LEU F 124 1.99 51.23 52.42
N LYS F 125 1.21 50.17 52.19
CA LYS F 125 -0.14 50.09 52.74
C LYS F 125 -0.39 48.67 53.24
N SER F 126 -1.29 48.56 54.22
CA SER F 126 -1.67 47.27 54.80
C SER F 126 -0.47 46.53 55.37
N GLY F 127 0.56 47.27 55.78
CA GLY F 127 1.75 46.64 56.34
C GLY F 127 2.42 45.67 55.40
N THR F 128 2.48 45.99 54.11
CA THR F 128 3.08 45.12 53.11
C THR F 128 3.95 45.95 52.17
N ALA F 129 5.12 45.41 51.85
CA ALA F 129 6.05 46.08 50.94
C ALA F 129 6.89 45.02 50.24
N SER F 130 7.46 45.39 49.10
CA SER F 130 8.23 44.45 48.30
C SER F 130 9.30 45.20 47.52
N VAL F 131 10.34 44.46 47.14
CA VAL F 131 11.44 44.97 46.34
C VAL F 131 11.71 43.98 45.21
N VAL F 132 12.00 44.51 44.02
CA VAL F 132 12.17 43.70 42.82
C VAL F 132 13.55 43.94 42.24
N CYS F 133 14.21 42.85 41.84
CA CYS F 133 15.49 42.89 41.15
C CYS F 133 15.28 42.45 39.72
N LEU F 134 15.91 43.16 38.78
CA LEU F 134 15.68 42.95 37.35
C LEU F 134 16.99 42.59 36.66
N LEU F 135 16.92 41.62 35.76
CA LEU F 135 18.02 41.26 34.87
C LEU F 135 17.49 41.31 33.45
N ASN F 136 18.20 42.01 32.57
CA ASN F 136 17.70 42.33 31.24
C ASN F 136 18.62 41.77 30.16
N ASN F 137 18.03 41.03 29.22
CA ASN F 137 18.68 40.65 27.96
C ASN F 137 20.00 39.92 28.22
N PHE F 138 19.88 38.75 28.84
CA PHE F 138 21.03 37.93 29.16
C PHE F 138 20.86 36.54 28.57
N TYR F 139 21.98 35.97 28.11
CA TYR F 139 22.06 34.59 27.65
C TYR F 139 23.34 34.01 28.26
N PRO F 140 23.34 32.73 28.65
CA PRO F 140 22.25 31.72 28.60
C PRO F 140 21.23 31.84 29.71
N ARG F 141 20.22 30.98 29.65
CA ARG F 141 19.15 31.00 30.65
C ARG F 141 19.71 30.85 32.06
N GLU F 142 20.74 30.03 32.23
CA GLU F 142 21.19 29.61 33.56
C GLU F 142 21.78 30.82 34.28
N ALA F 143 20.94 31.48 35.08
CA ALA F 143 21.36 32.61 35.89
C ALA F 143 20.86 32.41 37.32
N LYS F 144 21.58 32.98 38.28
CA LYS F 144 21.31 32.79 39.69
C LYS F 144 21.17 34.14 40.37
N VAL F 145 20.20 34.24 41.28
CA VAL F 145 19.93 35.47 42.02
C VAL F 145 19.74 35.12 43.48
N GLN F 146 20.33 35.92 44.36
CA GLN F 146 20.21 35.71 45.80
C GLN F 146 19.97 37.05 46.47
N TRP F 147 19.30 37.01 47.62
CA TRP F 147 18.91 38.21 48.35
C TRP F 147 19.63 38.25 49.70
N LYS F 148 20.15 39.44 50.05
CA LYS F 148 20.80 39.65 51.32
C LYS F 148 20.30 40.96 51.91
N VAL F 149 19.91 40.91 53.19
CA VAL F 149 19.44 42.09 53.91
C VAL F 149 20.35 42.29 55.12
N ASP F 150 21.02 43.43 55.16
CA ASP F 150 21.98 43.72 56.23
C ASP F 150 23.02 42.61 56.34
N ASN F 151 23.47 42.13 55.18
CA ASN F 151 24.44 41.04 55.11
C ASN F 151 23.92 39.80 55.84
N ALA F 152 22.63 39.51 55.66
CA ALA F 152 21.99 38.35 56.25
C ALA F 152 21.36 37.51 55.15
N LEU F 153 21.52 36.19 55.25
CA LEU F 153 20.99 35.29 54.25
C LEU F 153 19.46 35.33 54.24
N GLN F 154 18.88 35.28 53.06
CA GLN F 154 17.44 35.32 52.88
C GLN F 154 16.99 34.10 52.08
N SER F 155 15.88 33.50 52.51
CA SER F 155 15.32 32.34 51.82
C SER F 155 13.89 32.12 52.28
N GLY F 156 13.11 31.47 51.42
CA GLY F 156 11.73 31.15 51.75
C GLY F 156 10.78 32.31 51.70
N ASN F 157 11.19 33.46 51.16
CA ASN F 157 10.33 34.63 51.10
C ASN F 157 10.48 35.37 49.77
N SER F 158 10.85 34.66 48.71
CA SER F 158 11.06 35.29 47.42
C SER F 158 10.62 34.34 46.31
N GLN F 159 10.29 34.94 45.17
CA GLN F 159 9.89 34.20 43.98
C GLN F 159 10.60 34.80 42.77
N GLU F 160 10.37 34.23 41.60
CA GLU F 160 11.04 34.68 40.39
C GLU F 160 10.21 34.30 39.18
N SER F 161 10.54 34.93 38.05
CA SER F 161 9.89 34.63 36.79
C SER F 161 10.86 34.96 35.66
N VAL F 162 10.76 34.19 34.57
CA VAL F 162 11.65 34.36 33.43
C VAL F 162 10.80 34.37 32.17
N THR F 163 11.12 35.28 31.26
CA THR F 163 10.40 35.38 29.99
C THR F 163 10.85 34.28 29.05
N GLU F 164 10.48 34.44 27.78
CA GLU F 164 10.84 33.49 26.75
C GLU F 164 11.95 34.06 25.88
N GLN F 165 12.38 33.29 24.89
CA GLN F 165 13.37 33.79 23.94
C GLN F 165 12.69 34.67 22.91
N ASP F 166 13.20 35.90 22.76
CA ASP F 166 12.65 36.81 21.78
C ASP F 166 12.88 36.29 20.37
N SER F 167 11.91 36.55 19.49
CA SER F 167 12.03 36.06 18.12
C SER F 167 13.27 36.63 17.43
N LYS F 168 13.72 37.81 17.84
CA LYS F 168 14.88 38.46 17.25
C LYS F 168 16.01 38.62 18.25
N ASP F 169 15.73 39.16 19.44
CA ASP F 169 16.80 39.37 20.42
C ASP F 169 17.43 38.05 20.85
N SER F 170 16.61 37.03 21.08
CA SER F 170 17.10 35.70 21.46
C SER F 170 17.83 35.75 22.79
N THR F 171 17.16 36.29 23.80
CA THR F 171 17.71 36.39 25.15
C THR F 171 16.60 36.09 26.15
N TYR F 172 16.88 36.33 27.42
CA TYR F 172 15.92 36.16 28.50
C TYR F 172 15.89 37.41 29.36
N SER F 173 15.02 37.41 30.37
CA SER F 173 14.96 38.47 31.35
C SER F 173 14.25 37.93 32.58
N LEU F 174 14.89 38.09 33.74
CA LEU F 174 14.41 37.50 34.98
C LEU F 174 14.04 38.59 35.97
N SER F 175 12.89 38.43 36.62
CA SER F 175 12.43 39.33 37.67
C SER F 175 12.24 38.52 38.95
N SER F 176 12.92 38.94 40.02
CA SER F 176 12.80 38.31 41.32
C SER F 176 12.14 39.30 42.27
N THR F 177 11.27 38.79 43.15
CA THR F 177 10.52 39.61 44.09
C THR F 177 10.69 39.08 45.49
N LEU F 178 10.85 39.99 46.44
CA LEU F 178 10.98 39.67 47.86
C LEU F 178 9.86 40.34 48.62
N THR F 179 9.12 39.54 49.40
CA THR F 179 7.96 40.01 50.15
C THR F 179 8.31 40.09 51.63
N LEU F 180 8.01 41.24 52.24
CA LEU F 180 8.29 41.46 53.65
C LEU F 180 7.18 42.29 54.27
N SER F 181 7.01 42.14 55.57
CA SER F 181 6.10 43.00 56.31
C SER F 181 6.71 44.39 56.46
N LYS F 182 5.84 45.39 56.60
CA LYS F 182 6.32 46.77 56.69
C LYS F 182 7.18 46.97 57.93
N ALA F 183 6.79 46.37 59.06
CA ALA F 183 7.57 46.53 60.29
C ALA F 183 8.99 46.00 60.11
N ASP F 184 9.12 44.81 59.51
CA ASP F 184 10.44 44.25 59.26
C ASP F 184 11.21 45.12 58.27
N TYR F 185 10.53 45.62 57.24
CA TYR F 185 11.20 46.44 56.25
C TYR F 185 11.79 47.71 56.86
N GLU F 186 11.03 48.35 57.75
CA GLU F 186 11.54 49.55 58.41
C GLU F 186 12.70 49.23 59.34
N LYS F 187 12.71 48.04 59.95
CA LYS F 187 13.79 47.68 60.87
C LYS F 187 15.13 47.65 60.16
N HIS F 188 15.18 47.00 59.00
CA HIS F 188 16.43 46.88 58.25
C HIS F 188 16.66 48.12 57.40
N LYS F 189 17.92 48.31 57.00
CA LYS F 189 18.33 49.48 56.25
C LYS F 189 19.11 49.17 54.98
N VAL F 190 19.66 47.97 54.83
CA VAL F 190 20.51 47.61 53.69
C VAL F 190 19.86 46.45 52.95
N TYR F 191 19.71 46.61 51.63
CA TYR F 191 19.16 45.57 50.77
C TYR F 191 20.09 45.39 49.58
N ALA F 192 20.31 44.14 49.20
CA ALA F 192 21.24 43.82 48.11
C ALA F 192 20.67 42.68 47.27
N CYS F 193 21.08 42.65 46.01
CA CYS F 193 20.66 41.62 45.06
C CYS F 193 21.91 41.18 44.30
N GLU F 194 22.47 40.04 44.69
CA GLU F 194 23.68 39.51 44.08
C GLU F 194 23.30 38.52 42.98
N VAL F 195 23.87 38.72 41.79
CA VAL F 195 23.56 37.91 40.62
C VAL F 195 24.85 37.24 40.14
N THR F 196 24.79 35.93 39.95
CA THR F 196 25.89 35.16 39.38
C THR F 196 25.46 34.61 38.03
N HIS F 197 26.30 34.79 37.02
CA HIS F 197 25.97 34.35 35.68
C HIS F 197 27.24 33.97 34.94
N GLN F 198 27.09 33.13 33.92
CA GLN F 198 28.24 32.71 33.13
C GLN F 198 28.89 33.90 32.43
N GLY F 199 28.09 34.84 31.95
CA GLY F 199 28.61 36.02 31.30
C GLY F 199 29.21 37.06 32.23
N LEU F 200 29.03 36.90 33.54
CA LEU F 200 29.60 37.81 34.52
C LEU F 200 30.93 37.25 35.00
N SER F 201 32.01 38.02 34.82
CA SER F 201 33.32 37.56 35.22
C SER F 201 33.39 37.33 36.73
N SER F 202 32.83 38.24 37.50
CA SER F 202 32.83 38.15 38.96
C SER F 202 31.43 38.50 39.47
N PRO F 203 31.11 38.09 40.69
CA PRO F 203 29.78 38.41 41.23
C PRO F 203 29.53 39.91 41.25
N VAL F 204 28.29 40.29 40.93
CA VAL F 204 27.87 41.67 40.87
C VAL F 204 26.72 41.85 41.85
N THR F 205 26.82 42.88 42.69
CA THR F 205 25.81 43.18 43.70
C THR F 205 25.28 44.59 43.48
N LYS F 206 23.96 44.74 43.50
CA LYS F 206 23.29 46.02 43.42
C LYS F 206 22.49 46.22 44.69
N SER F 207 22.74 47.32 45.40
CA SER F 207 22.13 47.55 46.69
C SER F 207 21.67 49.00 46.79
N PHE F 208 20.69 49.22 47.65
CA PHE F 208 20.18 50.55 47.94
C PHE F 208 19.99 50.70 49.44
N ASN F 209 20.03 51.94 49.90
CA ASN F 209 19.91 52.25 51.32
C ASN F 209 18.59 53.00 51.56
N ARG F 210 17.78 52.47 52.48
CA ARG F 210 16.50 53.09 52.79
C ARG F 210 16.71 54.43 53.48
N GLY F 211 15.86 55.39 53.16
CA GLY F 211 15.92 56.68 53.80
C GLY F 211 17.20 57.45 53.54
N GLU F 212 17.97 57.04 52.53
CA GLU F 212 19.23 57.68 52.21
C GLU F 212 19.33 57.89 50.71
N CYS F 213 20.10 58.90 50.32
CA CYS F 213 20.30 59.20 48.91
C CYS F 213 20.92 58.00 48.18
#